data_6UUN
#
_entry.id   6UUN
#
_cell.length_a   1.00
_cell.length_b   1.00
_cell.length_c   1.00
_cell.angle_alpha   90.00
_cell.angle_beta   90.00
_cell.angle_gamma   90.00
#
_symmetry.space_group_name_H-M   'P 1'
#
loop_
_entity.id
_entity.type
_entity.pdbx_description
1 polymer 'Guanine nucleotide-binding protein G(s) subunit alpha isoforms short'
2 polymer 'Guanine nucleotide-binding protein G(I)/G(S)/G(T) subunit beta-1'
3 polymer 'Receptor activity-modifying protein 2'
4 polymer 'Guanine nucleotide-binding protein G(I)/G(S)/G(O) subunit gamma-2'
5 polymer 'Nanobody 35'
6 polymer ADM
7 polymer 'Calcitonin gene-related peptide type 1 receptor'
#
loop_
_entity_poly.entity_id
_entity_poly.type
_entity_poly.pdbx_seq_one_letter_code
_entity_poly.pdbx_strand_id
1 'polypeptide(L)'
;MGCLGNSKTEDQRNEEKAQREANKKIEKQLQKDKQVYRATHRLLLLGAGESGKNTIVKQMRILHVNGFNGEGGEEDPQAA
RSNSDGEKATKVQDIKNNLKEAIETIVAAMSNLVPPVELANPENQFRVDYILSVMNVPDFDFPPEFYEHAKALWEDEGVR
ACYERSNEYQLIDCAQYFLDKIDVIKQADYVPSDQDLLRCRVLTSGIFETKFQVDKVNFHMFDVGAQRDERRKWIQCFND
VTAIIFVVASSSYNMVIREDNQTNRLQAALKLFDSIWNNKWLRDTSVILFLNKQDLLAEKVLAGKSKIEDYFPEFARYTT
PEDATPEPGEDPRVTRAKYFIRDEFLRISTASGDGRHYCYPHFTCAVDTENIRRVFNDCRDIIQRMHLRQYELL
;
A
2 'polypeptide(L)'
;MHHHHHHGSSGSELDQLRQEAEQLKNQIRDARKACADATLSQITNNIDPVGRIQMRTRRTLRGHLAKIYAMHWGTDSRLL
VSASQDGKLIIWDSYTTNKVHAIPLRSSWVMTCAYAPSGNYVACGGLDNICSIYNLKTREGNVRVSRELAGHTGYLSCCR
FLDDNQIVTSSGDTTCALWDIETGQQTTTFTGHTGDVMSLSLAPDTRLFVSGACDASAKLWDVREGMCRQTFTGHESDIN
AICFFPNGNAFATGSDDATCRLFDLRADQELMTYSHDNIICGITSVSFSKSGRLLLAGYDDFNCNVWDALKADRAGVLAG
HDNRVSCLGVTDDGMAVATGSWDSFLKIWN
;
B
3 'polypeptide(L)'
;MKTIIALSYIFCLVFADYKDDDDKPLPTTGTPGSEGGTVKNYETAVQFCWNHYKDQMDPIEKDWCDWAMISRPYSTLRDC
LEHFAELFDLGFPNPLAERIIFETHQIHFANCSLVQPTFSDPPEDVLLAMIIAPICLIPFLITLVVWRSKDSEAQA
;
E
4 'polypeptide(L)' MASNNTASIAQARKLVEQLKMEANIDRIKVSKAAADLMAYCEAHAKEDPLLTPVPASENPFREKKFFCAIL G
5 'polypeptide(L)'
;QVQLQESGGGLVQPGGSLRLSCAASGFTFSNYKMNWVRQAPGKGLEWVSDISQSGASISYTGSVKGRFTISRDNAKNTLY
LQMNSLKPEDTAVYYCARCPAPFTRDCFDVTSTTYAYRGQGTQVTVSSHHHHHHEPEA
;
N
6 'polypeptide(L)' YRQSMNNFQGLRSFGCRFGTCTVQKLAHQIYQFTDKDKDNVAPRSKISPQGY(NH2) P
7 'polypeptide(L)'
;MKTIIALSYIFCLVFADYKDDDDLEVLFQGPAELEESPEDSIQLGVTRNKIMTAQYECYQKIMQDPIQQAEGVYCNRTWD
GWLCWNDVAAGTESMQLCPDYFQDFDPSEKVTKICDQDGNWFRHPASNRTWTNYTQCNVNTHEKVKTALNLFYLTIIGHG
LSIASLLISLGIFFYFKSLSCQRITLHKNLFFSFVCNSVVTIIHLTAVANNQALVATNPVSCKVSQFIHLYLMGCNYFWM
LCEGIYLHTLIVVAVFAEKQHLMWYYFLGWGFPLIPACIHAIARSLYYNDNCWISSDTHLLYIIHGPICAALLVNLFFLL
NIVRVLITKLKVTHQAESNLYMKAVRATLILVPLLGIEFVLIPWRPEGKIAEEVYDYIMHILMHFQGLLVSTIFCFFNGE
VQAILRRNWNQYKIQFGNSFSNSEALRSASYTVSTISDGPGYSHDCPSEHLNGKSIHDIENVLLKPENLYNPAGLEVLFQ
GPHHHHHHHH
;
R
#
# COMPACT_ATOMS: atom_id res chain seq x y z
N GLU A 16 2.23 38.29 0.12
CA GLU A 16 3.51 37.59 0.13
C GLU A 16 3.52 36.47 1.15
N LYS A 17 3.38 36.83 2.42
CA LYS A 17 3.39 35.86 3.51
C LYS A 17 2.01 35.58 4.09
N ALA A 18 1.08 36.53 4.01
CA ALA A 18 -0.28 36.29 4.49
C ALA A 18 -0.89 35.06 3.84
N GLN A 19 -0.52 34.80 2.58
CA GLN A 19 -0.95 33.58 1.92
C GLN A 19 -0.51 32.34 2.68
N ARG A 20 0.66 32.39 3.34
CA ARG A 20 1.15 31.22 4.04
C ARG A 20 0.31 30.92 5.29
N GLU A 21 -0.07 31.96 6.05
CA GLU A 21 -0.94 31.73 7.20
C GLU A 21 -2.34 31.35 6.75
N ALA A 22 -2.80 31.90 5.63
CA ALA A 22 -4.09 31.46 5.08
C ALA A 22 -4.05 29.97 4.73
N ASN A 23 -2.97 29.54 4.08
CA ASN A 23 -2.82 28.12 3.75
C ASN A 23 -2.71 27.26 5.00
N LYS A 24 -2.04 27.78 6.03
CA LYS A 24 -1.92 27.04 7.29
C LYS A 24 -3.28 26.82 7.93
N LYS A 25 -4.10 27.88 8.01
CA LYS A 25 -5.43 27.75 8.57
C LYS A 25 -6.31 26.83 7.73
N ILE A 26 -6.17 26.92 6.40
CA ILE A 26 -6.98 26.08 5.52
C ILE A 26 -6.59 24.61 5.69
N GLU A 27 -5.30 24.31 5.81
CA GLU A 27 -4.90 22.93 6.02
C GLU A 27 -5.25 22.44 7.42
N LYS A 28 -5.31 23.35 8.40
CA LYS A 28 -5.85 22.97 9.70
C LYS A 28 -7.30 22.54 9.57
N GLN A 29 -8.11 23.33 8.88
CA GLN A 29 -9.50 22.96 8.65
C GLN A 29 -9.61 21.66 7.87
N LEU A 30 -8.71 21.44 6.91
CA LEU A 30 -8.75 20.22 6.12
C LEU A 30 -8.39 18.99 6.95
N GLN A 31 -7.40 19.12 7.83
CA GLN A 31 -7.07 18.01 8.72
C GLN A 31 -8.18 17.76 9.73
N LYS A 32 -8.91 18.81 10.10
CA LYS A 32 -10.06 18.61 10.98
C LYS A 32 -11.19 17.90 10.24
N ASP A 33 -11.37 18.20 8.96
CA ASP A 33 -12.43 17.58 8.16
C ASP A 33 -12.09 16.15 7.77
N LYS A 34 -10.80 15.83 7.62
CA LYS A 34 -10.42 14.47 7.27
C LYS A 34 -10.80 13.48 8.35
N GLN A 35 -10.77 13.91 9.61
CA GLN A 35 -11.18 13.01 10.70
C GLN A 35 -12.66 12.68 10.61
N VAL A 36 -13.48 13.65 10.21
CA VAL A 36 -14.91 13.39 10.05
C VAL A 36 -15.16 12.54 8.81
N TYR A 37 -14.45 12.82 7.72
CA TYR A 37 -14.67 12.10 6.47
C TYR A 37 -14.31 10.63 6.61
N ARG A 38 -13.13 10.34 7.15
CA ARG A 38 -12.70 8.95 7.30
C ARG A 38 -13.49 8.19 8.35
N ALA A 39 -14.28 8.88 9.18
CA ALA A 39 -15.06 8.24 10.22
C ALA A 39 -16.46 7.86 9.79
N THR A 40 -16.93 8.38 8.66
CA THR A 40 -18.25 8.05 8.14
C THR A 40 -18.13 7.01 7.04
N HIS A 41 -19.16 6.18 6.92
CA HIS A 41 -19.19 5.10 5.94
C HIS A 41 -20.31 5.38 4.94
N ARG A 42 -19.91 5.64 3.70
CA ARG A 42 -20.87 5.93 2.63
C ARG A 42 -21.52 4.66 2.14
N LEU A 43 -22.83 4.72 1.90
CA LEU A 43 -23.59 3.56 1.44
C LEU A 43 -24.58 4.00 0.37
N LEU A 44 -24.58 3.31 -0.76
CA LEU A 44 -25.54 3.57 -1.83
C LEU A 44 -26.71 2.61 -1.71
N LEU A 45 -27.91 3.14 -1.87
CA LEU A 45 -29.14 2.35 -1.78
C LEU A 45 -29.78 2.28 -3.16
N LEU A 46 -29.97 1.06 -3.65
CA LEU A 46 -30.55 0.82 -4.97
C LEU A 46 -31.80 -0.02 -4.80
N GLY A 47 -32.96 0.57 -5.07
CA GLY A 47 -34.23 -0.12 -4.94
C GLY A 47 -34.59 -0.95 -6.17
N SER A 205 -34.53 16.15 -3.59
CA SER A 205 -33.81 16.92 -4.59
C SER A 205 -33.32 16.03 -5.72
N GLY A 206 -32.03 15.74 -5.72
CA GLY A 206 -31.45 14.87 -6.73
C GLY A 206 -30.86 13.62 -6.13
N ILE A 207 -30.63 13.65 -4.83
CA ILE A 207 -30.18 12.48 -4.08
C ILE A 207 -30.57 12.69 -2.63
N PHE A 208 -31.16 11.68 -2.02
CA PHE A 208 -31.65 11.79 -0.64
C PHE A 208 -30.63 11.13 0.28
N GLU A 209 -30.05 11.94 1.17
CA GLU A 209 -29.11 11.43 2.14
C GLU A 209 -29.82 11.05 3.43
N THR A 210 -29.15 10.21 4.23
CA THR A 210 -29.72 9.74 5.48
C THR A 210 -28.56 9.40 6.42
N LYS A 211 -28.41 10.18 7.48
CA LYS A 211 -27.43 9.91 8.53
C LYS A 211 -28.07 9.06 9.61
N PHE A 212 -27.42 7.96 9.96
CA PHE A 212 -27.81 7.21 11.15
C PHE A 212 -26.55 6.72 11.84
N GLN A 213 -26.72 6.05 12.97
CA GLN A 213 -25.58 5.68 13.79
C GLN A 213 -25.84 4.32 14.44
N VAL A 214 -24.83 3.45 14.38
CA VAL A 214 -24.88 2.15 15.03
C VAL A 214 -23.56 1.94 15.75
N ASP A 215 -23.62 1.67 17.05
CA ASP A 215 -22.44 1.43 17.88
C ASP A 215 -21.44 2.58 17.75
N LYS A 216 -21.96 3.80 17.83
CA LYS A 216 -21.19 5.05 17.74
C LYS A 216 -20.52 5.23 16.40
N VAL A 217 -20.83 4.40 15.41
CA VAL A 217 -20.31 4.54 14.06
C VAL A 217 -21.38 5.21 13.20
N ASN A 218 -21.02 6.31 12.55
CA ASN A 218 -21.96 7.11 11.79
C ASN A 218 -21.99 6.63 10.34
N PHE A 219 -23.13 6.08 9.92
CA PHE A 219 -23.34 5.66 8.55
C PHE A 219 -24.14 6.71 7.79
N HIS A 220 -23.83 6.80 6.49
CA HIS A 220 -24.42 7.81 5.61
C HIS A 220 -24.94 7.09 4.38
N MET A 221 -26.24 6.82 4.34
CA MET A 221 -26.87 6.16 3.21
C MET A 221 -27.41 7.19 2.24
N PHE A 222 -27.46 6.82 0.96
CA PHE A 222 -27.92 7.74 -0.09
C PHE A 222 -28.81 6.97 -1.06
N ASP A 223 -30.10 7.25 -1.04
CA ASP A 223 -30.99 6.73 -2.08
C ASP A 223 -31.18 7.82 -3.12
N VAL A 224 -30.75 7.52 -4.35
CA VAL A 224 -30.69 8.51 -5.42
C VAL A 224 -32.00 8.55 -6.20
N GLY A 225 -32.79 9.59 -5.98
CA GLY A 225 -34.04 9.78 -6.68
C GLY A 225 -33.97 10.91 -7.69
N ALA A 226 -35.09 11.09 -8.40
CA ALA A 226 -35.22 12.14 -9.40
C ALA A 226 -34.14 12.06 -10.48
N GLN A 227 -33.73 10.84 -10.81
CA GLN A 227 -32.81 10.60 -11.91
C GLN A 227 -33.49 9.71 -12.93
N ARG A 228 -32.91 9.67 -14.13
CA ARG A 228 -33.45 8.83 -15.18
C ARG A 228 -33.03 7.37 -14.97
N ASP A 229 -33.64 6.49 -15.74
CA ASP A 229 -33.39 5.06 -15.61
C ASP A 229 -32.09 4.61 -16.28
N GLU A 230 -31.30 5.54 -16.81
CA GLU A 230 -30.00 5.23 -17.36
C GLU A 230 -28.94 5.47 -16.28
N ARG A 231 -28.32 4.39 -15.80
CA ARG A 231 -27.41 4.47 -14.66
C ARG A 231 -25.94 4.40 -15.03
N ARG A 232 -25.60 4.12 -16.29
CA ARG A 232 -24.22 3.76 -16.60
C ARG A 232 -23.23 4.91 -16.42
N LYS A 233 -23.71 6.13 -16.22
CA LYS A 233 -22.81 7.27 -16.06
C LYS A 233 -22.67 7.74 -14.62
N TRP A 234 -23.77 7.86 -13.88
CA TRP A 234 -23.66 8.34 -12.51
C TRP A 234 -23.39 7.22 -11.51
N ILE A 235 -23.58 5.96 -11.89
CA ILE A 235 -23.26 4.88 -10.96
C ILE A 235 -21.76 4.88 -10.67
N GLN A 236 -20.94 5.34 -11.61
CA GLN A 236 -19.51 5.44 -11.38
C GLN A 236 -19.17 6.38 -10.23
N CYS A 237 -20.12 7.22 -9.82
CA CYS A 237 -19.86 8.07 -8.67
C CYS A 237 -19.87 7.32 -7.35
N PHE A 238 -20.22 6.04 -7.33
CA PHE A 238 -20.37 5.30 -6.09
C PHE A 238 -19.49 4.06 -6.06
N ASN A 239 -18.23 4.19 -6.49
CA ASN A 239 -17.31 3.07 -6.42
C ASN A 239 -16.44 3.08 -5.16
N ASP A 240 -16.36 4.21 -4.46
CA ASP A 240 -15.61 4.31 -3.23
C ASP A 240 -16.46 4.14 -1.98
N VAL A 241 -17.76 3.88 -2.15
CA VAL A 241 -18.61 3.64 -0.99
C VAL A 241 -18.22 2.33 -0.34
N THR A 242 -18.61 2.17 0.93
CA THR A 242 -18.32 0.94 1.66
C THR A 242 -19.02 -0.24 1.00
N ALA A 243 -20.34 -0.14 0.84
CA ALA A 243 -21.13 -1.18 0.20
C ALA A 243 -22.24 -0.53 -0.61
N ILE A 244 -22.84 -1.33 -1.48
CA ILE A 244 -23.99 -0.91 -2.27
C ILE A 244 -25.17 -1.75 -1.82
N ILE A 245 -26.07 -1.17 -1.04
CA ILE A 245 -27.28 -1.87 -0.66
C ILE A 245 -28.12 -2.12 -1.90
N PHE A 246 -28.50 -3.38 -2.12
CA PHE A 246 -29.21 -3.80 -3.32
C PHE A 246 -30.49 -4.51 -2.89
N VAL A 247 -31.61 -3.81 -3.01
CA VAL A 247 -32.91 -4.37 -2.65
C VAL A 247 -33.60 -4.83 -3.93
N VAL A 248 -33.97 -6.11 -3.96
CA VAL A 248 -34.66 -6.67 -5.11
C VAL A 248 -36.16 -6.70 -4.81
N ALA A 249 -36.96 -6.70 -5.87
CA ALA A 249 -38.42 -6.64 -5.76
C ALA A 249 -39.02 -7.83 -6.51
N SER A 250 -39.53 -8.80 -5.77
CA SER A 250 -40.23 -9.93 -6.36
C SER A 250 -41.55 -10.17 -5.66
N SER A 251 -41.63 -9.78 -4.38
CA SER A 251 -42.84 -9.98 -3.60
C SER A 251 -43.01 -8.87 -2.57
N GLN A 262 -47.00 -8.48 -13.77
CA GLN A 262 -45.84 -7.58 -13.74
C GLN A 262 -44.99 -7.73 -15.00
N THR A 263 -43.76 -7.22 -14.95
CA THR A 263 -42.86 -7.22 -16.08
C THR A 263 -41.61 -8.05 -15.80
N ASN A 264 -41.73 -9.09 -14.97
CA ASN A 264 -40.62 -9.95 -14.60
C ASN A 264 -39.49 -9.14 -13.96
N ARG A 265 -39.81 -8.56 -12.79
CA ARG A 265 -38.88 -7.66 -12.13
C ARG A 265 -37.64 -8.36 -11.61
N LEU A 266 -37.77 -9.65 -11.27
CA LEU A 266 -36.63 -10.36 -10.69
C LEU A 266 -35.53 -10.58 -11.72
N GLN A 267 -35.90 -10.83 -12.97
CA GLN A 267 -34.89 -10.98 -14.01
C GLN A 267 -34.18 -9.64 -14.27
N ALA A 268 -34.94 -8.54 -14.24
CA ALA A 268 -34.31 -7.23 -14.38
C ALA A 268 -33.35 -6.95 -13.22
N ALA A 269 -33.73 -7.34 -12.01
CA ALA A 269 -32.83 -7.18 -10.88
C ALA A 269 -31.58 -8.04 -11.02
N LEU A 270 -31.74 -9.27 -11.53
CA LEU A 270 -30.59 -10.12 -11.79
C LEU A 270 -29.65 -9.49 -12.80
N LYS A 271 -30.20 -8.92 -13.88
CA LYS A 271 -29.36 -8.30 -14.89
C LYS A 271 -28.66 -7.05 -14.34
N LEU A 272 -29.36 -6.28 -13.51
CA LEU A 272 -28.73 -5.12 -12.89
C LEU A 272 -27.60 -5.53 -11.97
N PHE A 273 -27.81 -6.57 -11.17
CA PHE A 273 -26.76 -7.06 -10.29
C PHE A 273 -25.58 -7.58 -11.09
N ASP A 274 -25.84 -8.24 -12.21
CA ASP A 274 -24.76 -8.72 -13.07
C ASP A 274 -23.96 -7.56 -13.64
N SER A 275 -24.65 -6.51 -14.11
CA SER A 275 -23.97 -5.34 -14.63
C SER A 275 -23.13 -4.66 -13.56
N ILE A 276 -23.63 -4.59 -12.33
CA ILE A 276 -22.88 -3.98 -11.25
C ILE A 276 -21.67 -4.84 -10.89
N TRP A 277 -21.85 -6.16 -10.87
CA TRP A 277 -20.76 -7.06 -10.51
C TRP A 277 -19.62 -7.01 -11.52
N ASN A 278 -19.96 -6.92 -12.81
CA ASN A 278 -18.95 -7.00 -13.86
C ASN A 278 -18.50 -5.65 -14.37
N ASN A 279 -18.94 -4.55 -13.77
CA ASN A 279 -18.47 -3.23 -14.17
C ASN A 279 -17.05 -3.02 -13.65
N LYS A 280 -16.17 -2.49 -14.51
CA LYS A 280 -14.76 -2.43 -14.16
C LYS A 280 -14.47 -1.42 -13.06
N TRP A 281 -15.39 -0.50 -12.78
CA TRP A 281 -15.19 0.46 -11.70
C TRP A 281 -15.83 0.03 -10.39
N LEU A 282 -16.87 -0.81 -10.45
CA LEU A 282 -17.53 -1.32 -9.26
C LEU A 282 -17.06 -2.73 -8.91
N ARG A 283 -15.94 -3.17 -9.48
CA ARG A 283 -15.40 -4.49 -9.18
C ARG A 283 -14.74 -4.56 -7.82
N ASP A 284 -14.47 -3.44 -7.18
CA ASP A 284 -13.90 -3.41 -5.84
C ASP A 284 -14.90 -3.00 -4.79
N THR A 285 -16.15 -2.74 -5.17
CA THR A 285 -17.19 -2.33 -4.25
C THR A 285 -18.05 -3.53 -3.90
N SER A 286 -18.16 -3.83 -2.61
CA SER A 286 -19.01 -4.92 -2.17
C SER A 286 -20.48 -4.57 -2.39
N VAL A 287 -21.33 -5.59 -2.34
CA VAL A 287 -22.75 -5.42 -2.57
C VAL A 287 -23.50 -6.20 -1.50
N ILE A 288 -24.33 -5.51 -0.72
CA ILE A 288 -25.21 -6.15 0.24
C ILE A 288 -26.56 -6.36 -0.45
N LEU A 289 -27.07 -7.59 -0.38
CA LEU A 289 -28.27 -7.98 -1.12
C LEU A 289 -29.40 -8.25 -0.14
N PHE A 290 -30.44 -7.42 -0.18
CA PHE A 290 -31.65 -7.63 0.58
C PHE A 290 -32.74 -8.08 -0.37
N LEU A 291 -33.31 -9.25 -0.09
CA LEU A 291 -34.28 -9.87 -0.99
C LEU A 291 -35.71 -9.54 -0.63
N ASN A 292 -35.96 -8.35 -0.07
CA ASN A 292 -37.31 -7.89 0.24
C ASN A 292 -37.78 -6.89 -0.82
N ILE A 308 -44.13 -17.31 -10.56
CA ILE A 308 -42.67 -17.23 -10.57
C ILE A 308 -42.09 -18.32 -11.47
N GLU A 309 -42.73 -19.50 -11.46
CA GLU A 309 -42.26 -20.60 -12.29
C GLU A 309 -42.44 -20.32 -13.77
N ASP A 310 -43.24 -19.32 -14.14
CA ASP A 310 -43.37 -18.94 -15.55
C ASP A 310 -42.08 -18.31 -16.06
N TYR A 311 -41.56 -17.32 -15.34
CA TYR A 311 -40.31 -16.68 -15.73
C TYR A 311 -39.09 -17.53 -15.40
N PHE A 312 -39.24 -18.58 -14.60
CA PHE A 312 -38.15 -19.49 -14.28
C PHE A 312 -38.70 -20.90 -14.22
N PRO A 313 -38.68 -21.62 -15.34
CA PRO A 313 -39.20 -22.99 -15.33
C PRO A 313 -38.37 -23.95 -14.50
N GLU A 314 -37.08 -23.70 -14.36
CA GLU A 314 -36.22 -24.57 -13.55
C GLU A 314 -36.66 -24.58 -12.09
N PHE A 315 -37.34 -23.54 -11.63
CA PHE A 315 -37.89 -23.54 -10.27
C PHE A 315 -38.92 -24.65 -10.09
N ALA A 316 -39.56 -25.09 -11.17
CA ALA A 316 -40.48 -26.21 -11.08
C ALA A 316 -39.77 -27.55 -10.88
N ARG A 317 -38.46 -27.58 -11.05
CA ARG A 317 -37.67 -28.79 -10.84
C ARG A 317 -36.47 -28.50 -9.95
N TYR A 318 -36.68 -27.70 -8.91
CA TYR A 318 -35.63 -27.30 -7.98
C TYR A 318 -36.00 -27.79 -6.59
N THR A 319 -35.03 -28.40 -5.91
CA THR A 319 -35.22 -28.96 -4.59
C THR A 319 -34.53 -28.10 -3.55
N THR A 320 -35.23 -27.80 -2.47
CA THR A 320 -34.67 -26.99 -1.40
C THR A 320 -33.49 -27.73 -0.76
N PRO A 321 -32.33 -27.09 -0.65
CA PRO A 321 -31.20 -27.75 0.03
C PRO A 321 -31.51 -27.95 1.51
N GLU A 322 -31.30 -29.17 1.99
CA GLU A 322 -31.56 -29.48 3.39
C GLU A 322 -30.60 -28.77 4.34
N ASP A 323 -29.50 -28.23 3.83
CA ASP A 323 -28.60 -27.43 4.64
C ASP A 323 -29.13 -26.03 4.91
N ALA A 324 -30.39 -25.77 4.56
CA ALA A 324 -31.00 -24.47 4.80
C ALA A 324 -31.30 -24.28 6.28
N THR A 325 -31.73 -23.06 6.62
CA THR A 325 -32.12 -22.71 7.99
C THR A 325 -33.53 -22.12 7.94
N PRO A 326 -34.55 -22.96 7.82
CA PRO A 326 -35.92 -22.45 7.76
C PRO A 326 -36.53 -22.20 9.13
N GLU A 327 -37.01 -20.99 9.36
CA GLU A 327 -37.67 -20.68 10.61
C GLU A 327 -39.04 -21.36 10.65
N PRO A 328 -39.52 -21.73 11.84
CA PRO A 328 -40.82 -22.42 11.93
C PRO A 328 -41.97 -21.51 11.49
N GLY A 329 -43.10 -22.15 11.22
CA GLY A 329 -44.26 -21.42 10.75
C GLY A 329 -44.06 -20.80 9.38
N GLU A 330 -43.37 -21.50 8.49
CA GLU A 330 -43.04 -20.97 7.17
C GLU A 330 -43.41 -22.00 6.11
N ASP A 331 -44.09 -21.53 5.07
CA ASP A 331 -44.47 -22.40 3.97
C ASP A 331 -43.23 -22.92 3.26
N PRO A 332 -43.12 -24.21 2.97
CA PRO A 332 -41.99 -24.72 2.19
C PRO A 332 -41.86 -24.03 0.84
N ARG A 333 -42.98 -23.59 0.27
CA ARG A 333 -42.95 -22.93 -1.03
C ARG A 333 -42.18 -21.63 -0.98
N VAL A 334 -42.44 -20.80 0.04
CA VAL A 334 -41.80 -19.48 0.07
C VAL A 334 -40.32 -19.60 0.42
N THR A 335 -39.94 -20.56 1.27
CA THR A 335 -38.52 -20.74 1.55
C THR A 335 -37.80 -21.36 0.36
N ARG A 336 -38.47 -22.25 -0.38
CA ARG A 336 -37.89 -22.76 -1.62
C ARG A 336 -37.67 -21.63 -2.61
N ALA A 337 -38.64 -20.73 -2.74
CA ALA A 337 -38.49 -19.59 -3.64
C ALA A 337 -37.35 -18.68 -3.20
N LYS A 338 -37.25 -18.42 -1.90
CA LYS A 338 -36.19 -17.56 -1.39
C LYS A 338 -34.82 -18.15 -1.66
N TYR A 339 -34.66 -19.44 -1.39
CA TYR A 339 -33.35 -20.06 -1.63
C TYR A 339 -33.07 -20.19 -3.12
N PHE A 340 -34.11 -20.32 -3.95
CA PHE A 340 -33.89 -20.33 -5.40
C PHE A 340 -33.40 -18.97 -5.88
N ILE A 341 -33.98 -17.88 -5.37
CA ILE A 341 -33.50 -16.55 -5.74
C ILE A 341 -32.07 -16.35 -5.26
N ARG A 342 -31.77 -16.82 -4.04
CA ARG A 342 -30.42 -16.71 -3.52
C ARG A 342 -29.43 -17.46 -4.40
N ASP A 343 -29.81 -18.65 -4.87
CA ASP A 343 -28.93 -19.40 -5.76
C ASP A 343 -28.78 -18.72 -7.11
N GLU A 344 -29.87 -18.12 -7.62
CA GLU A 344 -29.79 -17.40 -8.88
C GLU A 344 -28.86 -16.20 -8.80
N PHE A 345 -28.80 -15.56 -7.63
CA PHE A 345 -27.89 -14.43 -7.47
C PHE A 345 -26.46 -14.89 -7.21
N LEU A 346 -26.30 -15.99 -6.48
CA LEU A 346 -24.95 -16.53 -6.26
C LEU A 346 -24.35 -17.13 -7.52
N ARG A 347 -25.18 -17.54 -8.48
CA ARG A 347 -24.66 -18.02 -9.75
C ARG A 347 -23.94 -16.91 -10.49
N ILE A 348 -24.31 -15.66 -10.24
CA ILE A 348 -23.61 -14.51 -10.82
C ILE A 348 -22.49 -14.04 -9.91
N SER A 349 -22.73 -14.00 -8.61
CA SER A 349 -21.74 -13.45 -7.68
C SER A 349 -20.57 -14.40 -7.43
N THR A 350 -20.61 -15.62 -7.95
CA THR A 350 -19.52 -16.58 -7.78
C THR A 350 -18.82 -16.94 -9.08
N ALA A 351 -19.35 -16.53 -10.23
CA ALA A 351 -18.70 -16.79 -11.50
C ALA A 351 -17.60 -15.79 -11.82
N SER A 352 -17.25 -14.92 -10.88
CA SER A 352 -16.23 -13.91 -11.11
C SER A 352 -14.85 -14.56 -11.27
N GLY A 353 -13.90 -13.76 -11.71
CA GLY A 353 -12.53 -14.21 -11.86
C GLY A 353 -11.53 -13.20 -11.36
N ASP A 354 -12.02 -12.03 -10.95
CA ASP A 354 -11.18 -10.95 -10.45
C ASP A 354 -12.03 -10.05 -9.57
N GLY A 355 -11.49 -8.88 -9.24
CA GLY A 355 -12.22 -7.92 -8.43
C GLY A 355 -12.18 -8.24 -6.94
N ARG A 356 -12.18 -7.19 -6.13
CA ARG A 356 -12.17 -7.34 -4.68
C ARG A 356 -13.56 -7.27 -4.07
N HIS A 357 -14.61 -7.25 -4.89
CA HIS A 357 -15.96 -7.17 -4.37
C HIS A 357 -16.33 -8.44 -3.62
N TYR A 358 -17.37 -8.32 -2.79
CA TYR A 358 -17.92 -9.47 -2.10
C TYR A 358 -19.44 -9.32 -2.05
N CYS A 359 -20.12 -10.44 -1.91
CA CYS A 359 -21.59 -10.48 -1.90
C CYS A 359 -22.06 -10.93 -0.53
N TYR A 360 -23.03 -10.21 0.03
CA TYR A 360 -23.62 -10.54 1.33
C TYR A 360 -25.13 -10.63 1.17
N PRO A 361 -25.62 -11.77 0.68
CA PRO A 361 -27.07 -11.94 0.54
C PRO A 361 -27.73 -12.17 1.89
N HIS A 362 -28.98 -11.75 1.99
CA HIS A 362 -29.74 -11.88 3.23
C HIS A 362 -31.17 -12.31 2.91
N PHE A 363 -31.64 -13.34 3.60
CA PHE A 363 -32.97 -13.92 3.38
C PHE A 363 -33.23 -14.20 1.91
N ASN A 371 -32.80 -4.22 11.10
CA ASN A 371 -32.31 -4.50 9.75
C ASN A 371 -31.02 -3.74 9.48
N ILE A 372 -30.75 -2.71 10.28
CA ILE A 372 -29.52 -1.97 10.15
C ILE A 372 -28.34 -2.70 10.77
N ARG A 373 -28.59 -3.66 11.67
CA ARG A 373 -27.51 -4.43 12.25
C ARG A 373 -26.83 -5.33 11.22
N ARG A 374 -27.60 -5.86 10.27
CA ARG A 374 -27.00 -6.65 9.19
C ARG A 374 -26.06 -5.80 8.35
N VAL A 375 -26.49 -4.59 7.99
CA VAL A 375 -25.64 -3.69 7.22
C VAL A 375 -24.41 -3.31 8.03
N PHE A 376 -24.58 -3.10 9.33
CA PHE A 376 -23.45 -2.76 10.20
C PHE A 376 -22.42 -3.88 10.22
N ASN A 377 -22.87 -5.11 10.47
CA ASN A 377 -21.95 -6.25 10.52
C ASN A 377 -21.31 -6.50 9.17
N ASP A 378 -22.06 -6.29 8.08
CA ASP A 378 -21.49 -6.53 6.76
C ASP A 378 -20.45 -5.47 6.41
N CYS A 379 -20.69 -4.21 6.79
CA CYS A 379 -19.67 -3.19 6.60
C CYS A 379 -18.44 -3.46 7.46
N ARG A 380 -18.65 -4.00 8.67
CA ARG A 380 -17.51 -4.38 9.50
C ARG A 380 -16.69 -5.49 8.83
N ASP A 381 -17.38 -6.49 8.26
CA ASP A 381 -16.67 -7.55 7.55
C ASP A 381 -15.95 -7.01 6.31
N ILE A 382 -16.58 -6.06 5.62
CA ILE A 382 -15.95 -5.45 4.45
C ILE A 382 -14.67 -4.73 4.86
N ILE A 383 -14.72 -3.99 5.95
CA ILE A 383 -13.54 -3.26 6.41
C ILE A 383 -12.45 -4.24 6.84
N GLN A 384 -12.83 -5.32 7.52
CA GLN A 384 -11.84 -6.33 7.92
C GLN A 384 -11.17 -6.95 6.70
N ARG A 385 -11.97 -7.29 5.68
CA ARG A 385 -11.40 -7.88 4.47
C ARG A 385 -10.51 -6.90 3.73
N MET A 386 -10.89 -5.62 3.72
CA MET A 386 -10.05 -4.62 3.07
C MET A 386 -8.73 -4.45 3.80
N HIS A 387 -8.76 -4.43 5.14
CA HIS A 387 -7.52 -4.33 5.92
C HIS A 387 -6.64 -5.56 5.69
N LEU A 388 -7.26 -6.74 5.63
CA LEU A 388 -6.49 -7.95 5.37
C LEU A 388 -5.85 -7.90 3.98
N ARG A 389 -6.58 -7.44 2.98
CA ARG A 389 -6.03 -7.34 1.64
C ARG A 389 -4.97 -6.24 1.54
N GLN A 390 -4.98 -5.28 2.45
CA GLN A 390 -3.92 -4.27 2.45
C GLN A 390 -2.58 -4.88 2.85
N TYR A 391 -2.59 -5.83 3.78
CA TYR A 391 -1.39 -6.53 4.20
C TYR A 391 -1.10 -7.77 3.36
N GLU A 392 -1.81 -7.94 2.24
CA GLU A 392 -1.66 -9.09 1.35
C GLU A 392 -1.88 -10.41 2.06
N LEU A 393 -2.61 -10.41 3.18
CA LEU A 393 -2.93 -11.65 3.87
C LEU A 393 -4.11 -12.37 3.25
N LEU A 394 -4.87 -11.71 2.38
CA LEU A 394 -6.05 -12.32 1.78
C LEU A 394 -5.96 -12.31 0.25
N ASP B 15 -49.24 7.55 -38.44
CA ASP B 15 -48.27 8.19 -39.31
C ASP B 15 -46.99 7.35 -39.41
N GLN B 16 -46.53 7.14 -40.64
CA GLN B 16 -45.33 6.37 -40.92
C GLN B 16 -44.35 7.15 -41.79
N LEU B 17 -44.02 8.37 -41.39
CA LEU B 17 -43.01 9.16 -42.09
C LEU B 17 -41.57 8.78 -41.72
N ARG B 18 -41.36 7.61 -41.10
CA ARG B 18 -40.00 7.19 -40.77
C ARG B 18 -39.16 6.97 -42.02
N GLN B 19 -39.78 6.53 -43.11
CA GLN B 19 -39.04 6.49 -44.37
C GLN B 19 -38.68 7.90 -44.85
N GLU B 20 -39.53 8.89 -44.58
CA GLU B 20 -39.15 10.27 -44.88
C GLU B 20 -37.94 10.67 -44.05
N ALA B 21 -37.92 10.29 -42.77
CA ALA B 21 -36.78 10.61 -41.92
C ALA B 21 -35.50 9.95 -42.43
N GLU B 22 -35.60 8.68 -42.85
CA GLU B 22 -34.40 7.98 -43.29
C GLU B 22 -33.91 8.51 -44.64
N GLN B 23 -34.83 8.87 -45.54
CA GLN B 23 -34.39 9.45 -46.80
C GLN B 23 -33.80 10.84 -46.58
N LEU B 24 -34.30 11.59 -45.58
CA LEU B 24 -33.70 12.88 -45.28
C LEU B 24 -32.29 12.71 -44.72
N LYS B 25 -32.09 11.76 -43.80
CA LYS B 25 -30.75 11.55 -43.28
C LYS B 25 -29.82 10.97 -44.35
N ASN B 26 -30.36 10.20 -45.30
CA ASN B 26 -29.54 9.74 -46.42
C ASN B 26 -29.13 10.90 -47.32
N GLN B 27 -30.05 11.84 -47.57
CA GLN B 27 -29.68 13.03 -48.32
C GLN B 27 -28.61 13.82 -47.60
N ILE B 28 -28.69 13.90 -46.26
CA ILE B 28 -27.65 14.55 -45.48
C ILE B 28 -26.31 13.82 -45.67
N ARG B 29 -26.34 12.50 -45.63
CA ARG B 29 -25.11 11.73 -45.77
C ARG B 29 -24.48 11.94 -47.14
N ASP B 30 -25.31 11.95 -48.19
CA ASP B 30 -24.75 12.16 -49.53
C ASP B 30 -24.27 13.60 -49.73
N ALA B 31 -24.93 14.57 -49.11
CA ALA B 31 -24.44 15.95 -49.18
C ALA B 31 -23.12 16.10 -48.41
N ARG B 32 -22.94 15.31 -47.35
CA ARG B 32 -21.65 15.29 -46.66
C ARG B 32 -20.58 14.63 -47.51
N LYS B 33 -20.94 13.54 -48.19
CA LYS B 33 -19.99 12.84 -49.04
C LYS B 33 -19.54 13.69 -50.22
N ALA B 34 -20.46 14.46 -50.81
CA ALA B 34 -20.11 15.28 -51.96
C ALA B 34 -19.08 16.35 -51.59
N CYS B 35 -19.17 16.89 -50.38
CA CYS B 35 -18.24 17.92 -49.92
C CYS B 35 -16.92 17.34 -49.42
N ALA B 36 -16.78 16.02 -49.38
CA ALA B 36 -15.56 15.38 -48.88
C ALA B 36 -14.59 15.15 -50.04
N ASP B 37 -13.74 16.15 -50.27
CA ASP B 37 -12.70 16.01 -51.28
C ASP B 37 -11.72 14.91 -50.89
N ALA B 38 -11.12 15.03 -49.71
CA ALA B 38 -10.13 14.06 -49.24
C ALA B 38 -10.22 14.01 -47.72
N THR B 39 -9.19 13.45 -47.10
CA THR B 39 -9.13 13.35 -45.65
C THR B 39 -8.09 14.33 -45.12
N LEU B 40 -8.16 14.57 -43.81
CA LEU B 40 -7.18 15.47 -43.18
C LEU B 40 -5.77 14.91 -43.29
N SER B 41 -5.64 13.59 -43.39
CA SER B 41 -4.32 12.98 -43.49
C SER B 41 -3.66 13.30 -44.82
N GLN B 42 -4.43 13.24 -45.91
CA GLN B 42 -3.88 13.52 -47.22
C GLN B 42 -3.40 14.97 -47.32
N ILE B 43 -4.05 15.87 -46.57
CA ILE B 43 -3.59 17.25 -46.52
C ILE B 43 -2.34 17.37 -45.66
N THR B 44 -2.45 16.94 -44.40
CA THR B 44 -1.34 17.03 -43.44
C THR B 44 -0.53 15.75 -43.48
N ASN B 45 -0.14 15.34 -44.68
CA ASN B 45 0.79 14.24 -44.89
C ASN B 45 2.24 14.69 -45.04
N ASN B 46 2.46 15.95 -45.43
CA ASN B 46 3.83 16.44 -45.66
C ASN B 46 4.37 17.27 -44.50
N ILE B 47 3.51 17.69 -43.57
CA ILE B 47 3.99 18.53 -42.46
C ILE B 47 4.92 17.72 -41.57
N ASP B 48 5.76 18.44 -40.83
CA ASP B 48 6.74 17.79 -39.97
C ASP B 48 6.11 17.43 -38.63
N PRO B 49 6.38 16.24 -38.11
CA PRO B 49 5.82 15.86 -36.81
C PRO B 49 6.45 16.68 -35.69
N VAL B 50 5.70 16.83 -34.60
CA VAL B 50 6.17 17.64 -33.48
C VAL B 50 7.28 16.95 -32.70
N GLY B 51 7.44 15.64 -32.88
CA GLY B 51 8.44 14.90 -32.14
C GLY B 51 7.95 14.45 -30.79
N ARG B 52 8.85 13.80 -30.06
CA ARG B 52 8.51 13.29 -28.73
C ARG B 52 8.26 14.45 -27.78
N ILE B 53 7.05 14.52 -27.24
CA ILE B 53 6.66 15.55 -26.29
C ILE B 53 6.75 14.94 -24.89
N GLN B 54 7.71 15.41 -24.10
CA GLN B 54 7.94 14.92 -22.75
C GLN B 54 7.66 16.05 -21.76
N MET B 55 6.68 15.85 -20.89
CA MET B 55 6.30 16.82 -19.88
C MET B 55 6.53 16.23 -18.50
N ARG B 56 7.21 16.98 -17.64
CA ARG B 56 7.47 16.56 -16.28
C ARG B 56 6.41 17.13 -15.34
N THR B 57 6.13 16.40 -14.28
CA THR B 57 5.18 16.84 -13.25
C THR B 57 5.82 17.98 -12.48
N ARG B 58 5.45 19.22 -12.81
CA ARG B 58 6.02 20.37 -12.12
C ARG B 58 5.46 20.49 -10.70
N ARG B 59 4.14 20.37 -10.56
CA ARG B 59 3.50 20.52 -9.26
C ARG B 59 2.61 19.33 -8.97
N THR B 60 2.42 19.02 -7.69
CA THR B 60 1.40 18.01 -7.31
C THR B 60 0.56 18.55 -6.14
N LEU B 61 -0.59 19.14 -6.45
CA LEU B 61 -1.49 19.66 -5.39
C LEU B 61 -2.05 18.48 -4.59
N ARG B 62 -2.03 18.58 -3.26
CA ARG B 62 -2.55 17.49 -2.40
C ARG B 62 -3.44 18.11 -1.32
N GLY B 63 -4.43 17.36 -0.82
CA GLY B 63 -5.35 17.92 0.19
C GLY B 63 -6.77 17.41 0.00
N HIS B 64 -7.13 17.03 -1.22
CA HIS B 64 -8.47 16.41 -1.42
C HIS B 64 -8.47 15.03 -0.77
N LEU B 65 -9.52 14.71 -0.02
CA LEU B 65 -9.59 13.42 0.72
C LEU B 65 -10.28 12.37 -0.15
N ALA B 66 -10.73 12.76 -1.35
CA ALA B 66 -11.51 11.83 -2.20
C ALA B 66 -11.21 12.09 -3.68
N LYS B 67 -11.75 11.25 -4.56
CA LYS B 67 -11.45 11.38 -6.01
C LYS B 67 -11.86 12.76 -6.50
N ILE B 68 -11.01 13.40 -7.30
CA ILE B 68 -11.36 14.73 -7.89
C ILE B 68 -12.14 14.44 -9.18
N TYR B 69 -13.37 14.96 -9.28
CA TYR B 69 -14.20 14.73 -10.48
C TYR B 69 -13.91 15.83 -11.50
N ALA B 70 -13.72 17.06 -11.04
CA ALA B 70 -13.53 18.15 -12.02
C ALA B 70 -12.53 19.21 -11.55
N MET B 71 -11.96 19.97 -12.50
CA MET B 71 -11.03 21.08 -12.17
C MET B 71 -11.26 22.18 -13.21
N HIS B 72 -10.86 23.42 -12.92
CA HIS B 72 -10.99 24.52 -13.92
C HIS B 72 -9.97 25.64 -13.65
N TRP B 73 -9.33 26.16 -14.70
CA TRP B 73 -8.41 27.26 -14.54
C TRP B 73 -9.16 28.59 -14.50
N GLY B 74 -8.58 29.54 -13.77
CA GLY B 74 -9.02 30.91 -13.90
C GLY B 74 -8.40 31.56 -15.13
N THR B 75 -8.95 32.72 -15.50
CA THR B 75 -8.42 33.40 -16.67
C THR B 75 -7.05 34.04 -16.44
N ASP B 76 -6.55 34.01 -15.21
CA ASP B 76 -5.22 34.54 -14.90
C ASP B 76 -4.15 33.47 -14.93
N SER B 77 -4.52 32.20 -15.15
CA SER B 77 -3.64 31.05 -15.27
C SER B 77 -2.91 30.71 -13.98
N ARG B 78 -3.18 31.40 -12.87
CA ARG B 78 -2.58 31.09 -11.58
C ARG B 78 -3.54 30.28 -10.71
N LEU B 79 -4.75 30.81 -10.54
CA LEU B 79 -5.73 30.21 -9.58
C LEU B 79 -6.54 29.12 -10.29
N LEU B 80 -6.60 27.93 -9.69
CA LEU B 80 -7.39 26.82 -10.27
C LEU B 80 -8.35 26.28 -9.22
N VAL B 81 -9.60 26.01 -9.60
CA VAL B 81 -10.61 25.45 -8.65
C VAL B 81 -10.78 23.97 -9.00
N SER B 82 -10.72 23.10 -7.98
CA SER B 82 -10.92 21.65 -8.20
C SER B 82 -12.01 21.13 -7.26
N ALA B 83 -12.86 20.23 -7.75
CA ALA B 83 -13.99 19.71 -6.95
C ALA B 83 -13.75 18.24 -6.61
N SER B 84 -13.92 17.87 -5.35
CA SER B 84 -13.73 16.46 -4.92
C SER B 84 -15.00 15.95 -4.23
N GLN B 85 -15.20 14.63 -4.23
CA GLN B 85 -16.45 14.08 -3.65
C GLN B 85 -16.27 13.82 -2.15
N ASP B 86 -15.30 14.48 -1.53
CA ASP B 86 -15.32 14.71 -0.09
C ASP B 86 -16.17 15.91 0.29
N GLY B 87 -16.72 16.58 -0.72
CA GLY B 87 -17.61 17.73 -0.52
C GLY B 87 -16.86 19.04 -0.41
N LYS B 88 -15.65 19.10 -0.96
CA LYS B 88 -14.82 20.32 -0.79
C LYS B 88 -14.44 20.93 -2.15
N LEU B 89 -14.63 22.23 -2.32
CA LEU B 89 -14.18 22.92 -3.56
C LEU B 89 -12.96 23.74 -3.13
N ILE B 90 -11.78 23.48 -3.72
CA ILE B 90 -10.55 24.16 -3.23
C ILE B 90 -9.95 25.02 -4.35
N ILE B 91 -9.60 26.27 -4.03
CA ILE B 91 -8.92 27.14 -5.04
C ILE B 91 -7.42 27.12 -4.69
N TRP B 92 -6.57 26.74 -5.65
CA TRP B 92 -5.12 26.60 -5.36
C TRP B 92 -4.32 27.60 -6.18
N ASP B 93 -3.39 28.33 -5.55
CA ASP B 93 -2.50 29.21 -6.34
C ASP B 93 -1.40 28.34 -6.94
N SER B 94 -1.63 27.80 -8.15
CA SER B 94 -0.75 26.80 -8.74
C SER B 94 0.71 27.21 -8.67
N TYR B 95 0.98 28.51 -8.58
CA TYR B 95 2.37 28.97 -8.58
C TYR B 95 3.09 28.54 -7.31
N THR B 96 2.46 28.74 -6.15
CA THR B 96 3.08 28.48 -4.86
C THR B 96 2.45 27.30 -4.12
N THR B 97 1.53 26.58 -4.76
CA THR B 97 0.88 25.39 -4.23
C THR B 97 -0.05 25.70 -3.06
N ASN B 98 -0.10 26.95 -2.59
CA ASN B 98 -0.93 27.28 -1.45
C ASN B 98 -2.41 27.24 -1.82
N LYS B 99 -3.22 26.79 -0.86
CA LYS B 99 -4.66 26.75 -1.04
C LYS B 99 -5.23 28.14 -0.73
N VAL B 100 -5.75 28.82 -1.75
CA VAL B 100 -6.33 30.13 -1.54
C VAL B 100 -7.67 30.01 -0.82
N HIS B 101 -8.46 29.00 -1.18
CA HIS B 101 -9.78 28.84 -0.59
C HIS B 101 -10.12 27.37 -0.46
N ALA B 102 -11.02 27.06 0.48
CA ALA B 102 -11.54 25.70 0.65
C ALA B 102 -13.02 25.84 1.01
N ILE B 103 -13.89 25.78 0.01
CA ILE B 103 -15.33 25.91 0.21
C ILE B 103 -15.93 24.56 0.55
N PRO B 104 -16.65 24.44 1.67
CA PRO B 104 -17.37 23.20 1.95
C PRO B 104 -18.73 23.22 1.27
N LEU B 105 -19.07 22.12 0.60
CA LEU B 105 -20.29 22.02 -0.19
C LEU B 105 -21.39 21.33 0.60
N ARG B 106 -22.64 21.61 0.20
CA ARG B 106 -23.77 20.96 0.84
C ARG B 106 -23.86 19.49 0.46
N SER B 107 -23.96 19.20 -0.83
CA SER B 107 -23.92 17.84 -1.34
C SER B 107 -22.51 17.53 -1.81
N SER B 108 -22.04 16.33 -1.50
CA SER B 108 -20.65 15.99 -1.73
C SER B 108 -20.38 15.50 -3.15
N TRP B 109 -21.39 15.09 -3.90
CA TRP B 109 -21.16 14.53 -5.24
C TRP B 109 -21.15 15.62 -6.31
N VAL B 110 -20.25 16.58 -6.11
CA VAL B 110 -20.02 17.58 -7.13
C VAL B 110 -19.36 16.90 -8.33
N MET B 111 -20.05 16.90 -9.47
CA MET B 111 -19.53 16.30 -10.69
C MET B 111 -18.95 17.35 -11.64
N THR B 112 -19.13 18.63 -11.32
CA THR B 112 -18.68 19.72 -12.22
C THR B 112 -18.36 20.99 -11.43
N CYS B 113 -17.20 21.62 -11.71
CA CYS B 113 -16.84 22.89 -11.05
C CYS B 113 -16.43 23.90 -12.13
N ALA B 114 -16.90 25.16 -12.02
CA ALA B 114 -16.55 26.20 -13.02
C ALA B 114 -16.02 27.45 -12.32
N TYR B 115 -14.97 28.06 -12.88
CA TYR B 115 -14.42 29.29 -12.36
C TYR B 115 -14.86 30.43 -13.27
N ALA B 116 -15.48 31.45 -12.69
CA ALA B 116 -15.97 32.56 -13.50
C ALA B 116 -14.81 33.25 -14.20
N PRO B 117 -15.01 33.77 -15.41
CA PRO B 117 -13.90 34.43 -16.11
C PRO B 117 -13.39 35.68 -15.41
N SER B 118 -14.28 36.43 -14.75
CA SER B 118 -13.82 37.57 -13.97
C SER B 118 -13.08 37.13 -12.71
N GLY B 119 -13.44 35.97 -12.17
CA GLY B 119 -12.78 35.43 -11.00
C GLY B 119 -13.51 35.66 -9.69
N ASN B 120 -14.73 36.20 -9.73
CA ASN B 120 -15.44 36.52 -8.50
C ASN B 120 -16.32 35.39 -8.01
N TYR B 121 -16.81 34.54 -8.89
CA TYR B 121 -17.72 33.46 -8.50
C TYR B 121 -17.15 32.11 -8.94
N VAL B 122 -17.62 31.06 -8.27
CA VAL B 122 -17.37 29.69 -8.68
C VAL B 122 -18.67 28.91 -8.63
N ALA B 123 -18.96 28.18 -9.68
CA ALA B 123 -20.14 27.32 -9.73
C ALA B 123 -19.74 25.88 -9.48
N CYS B 124 -20.62 25.13 -8.83
CA CYS B 124 -20.37 23.71 -8.64
C CYS B 124 -21.71 22.97 -8.63
N GLY B 125 -21.70 21.76 -9.14
CA GLY B 125 -22.95 21.00 -9.18
C GLY B 125 -22.70 19.55 -9.52
N GLY B 126 -23.76 18.76 -9.37
CA GLY B 126 -23.72 17.36 -9.74
C GLY B 126 -24.53 16.47 -8.82
N LEU B 127 -25.37 15.63 -9.42
CA LEU B 127 -26.10 14.58 -8.72
C LEU B 127 -27.06 15.13 -7.67
N ASP B 128 -27.16 16.45 -7.58
CA ASP B 128 -28.16 17.09 -6.73
C ASP B 128 -29.10 17.97 -7.52
N ASN B 129 -28.98 18.00 -8.85
CA ASN B 129 -29.82 18.75 -9.78
C ASN B 129 -29.69 20.26 -9.61
N ILE B 130 -28.74 20.71 -8.79
CA ILE B 130 -28.63 22.13 -8.45
C ILE B 130 -27.24 22.61 -8.79
N CYS B 131 -27.15 23.80 -9.39
CA CYS B 131 -25.90 24.48 -9.64
C CYS B 131 -25.75 25.59 -8.60
N SER B 132 -24.80 25.43 -7.69
CA SER B 132 -24.60 26.39 -6.62
C SER B 132 -23.52 27.37 -7.03
N ILE B 133 -23.84 28.66 -6.95
CA ILE B 133 -22.93 29.75 -7.26
C ILE B 133 -22.44 30.33 -5.94
N TYR B 134 -21.13 30.24 -5.70
CA TYR B 134 -20.47 30.78 -4.52
C TYR B 134 -19.74 32.05 -4.89
N ASN B 135 -19.88 33.08 -4.05
CA ASN B 135 -19.21 34.35 -4.25
C ASN B 135 -17.89 34.35 -3.50
N LEU B 136 -16.83 34.76 -4.18
CA LEU B 136 -15.50 34.79 -3.57
C LEU B 136 -15.17 36.14 -2.97
N LYS B 137 -15.22 37.20 -3.78
CA LYS B 137 -14.88 38.54 -3.32
C LYS B 137 -16.04 39.09 -2.50
N THR B 138 -16.09 38.66 -1.25
CA THR B 138 -17.14 39.04 -0.31
C THR B 138 -16.60 40.01 0.72
N ARG B 139 -17.51 40.73 1.37
CA ARG B 139 -17.12 41.70 2.38
C ARG B 139 -16.86 41.05 3.74
N GLU B 140 -17.58 39.97 4.06
CA GLU B 140 -17.40 39.28 5.33
C GLU B 140 -16.10 38.48 5.39
N GLY B 141 -15.33 38.42 4.30
CA GLY B 141 -14.12 37.63 4.29
C GLY B 141 -14.32 36.14 4.32
N ASN B 142 -15.54 35.67 4.04
CA ASN B 142 -15.84 34.24 4.05
C ASN B 142 -16.79 33.96 2.89
N VAL B 143 -16.39 33.04 2.00
CA VAL B 143 -17.22 32.71 0.85
C VAL B 143 -18.53 32.09 1.31
N ARG B 144 -19.59 32.37 0.55
CA ARG B 144 -20.92 31.89 0.92
C ARG B 144 -21.72 31.62 -0.35
N VAL B 145 -22.78 30.84 -0.19
CA VAL B 145 -23.64 30.48 -1.31
C VAL B 145 -24.32 31.76 -1.81
N SER B 146 -23.98 32.17 -3.04
CA SER B 146 -24.63 33.34 -3.63
C SER B 146 -25.96 32.97 -4.25
N ARG B 147 -26.00 31.89 -5.02
CA ARG B 147 -27.23 31.46 -5.69
C ARG B 147 -27.31 29.94 -5.70
N GLU B 148 -28.52 29.43 -5.93
CA GLU B 148 -28.76 27.99 -6.08
C GLU B 148 -29.74 27.81 -7.23
N LEU B 149 -29.21 27.56 -8.42
CA LEU B 149 -30.01 27.35 -9.63
C LEU B 149 -30.57 25.94 -9.60
N ALA B 150 -31.89 25.81 -9.48
CA ALA B 150 -32.55 24.52 -9.34
C ALA B 150 -33.72 24.45 -10.33
N GLY B 151 -33.45 23.92 -11.52
CA GLY B 151 -34.50 23.70 -12.50
C GLY B 151 -34.29 22.46 -13.35
N HIS B 152 -33.28 21.66 -13.01
CA HIS B 152 -32.96 20.45 -13.75
C HIS B 152 -33.57 19.23 -13.08
N THR B 153 -33.76 18.19 -13.88
CA THR B 153 -34.32 16.93 -13.40
C THR B 153 -33.32 15.77 -13.50
N GLY B 154 -32.05 16.07 -13.77
CA GLY B 154 -31.02 15.06 -13.80
C GLY B 154 -29.73 15.66 -13.30
N TYR B 155 -28.75 14.79 -13.03
CA TYR B 155 -27.49 15.24 -12.46
C TYR B 155 -26.82 16.26 -13.36
N LEU B 156 -26.18 17.25 -12.75
CA LEU B 156 -25.42 18.25 -13.48
C LEU B 156 -24.09 17.65 -13.92
N SER B 157 -23.87 17.57 -15.24
CA SER B 157 -22.64 16.99 -15.75
C SER B 157 -21.58 18.03 -16.09
N CYS B 158 -21.99 19.26 -16.40
CA CYS B 158 -21.04 20.31 -16.74
C CYS B 158 -21.74 21.65 -16.60
N CYS B 159 -20.94 22.67 -16.28
CA CYS B 159 -21.44 24.03 -16.19
C CYS B 159 -20.32 24.98 -16.59
N ARG B 160 -20.68 26.04 -17.29
CA ARG B 160 -19.70 27.00 -17.78
C ARG B 160 -20.26 28.41 -17.67
N PHE B 161 -19.41 29.34 -17.29
CA PHE B 161 -19.83 30.74 -17.17
C PHE B 161 -19.71 31.45 -18.51
N LEU B 162 -20.75 32.19 -18.87
CA LEU B 162 -20.66 33.12 -20.00
C LEU B 162 -20.12 34.47 -19.54
N ASP B 163 -20.67 34.98 -18.44
CA ASP B 163 -20.14 36.14 -17.74
C ASP B 163 -20.53 35.99 -16.28
N ASP B 164 -20.46 37.08 -15.51
CA ASP B 164 -20.85 37.01 -14.11
C ASP B 164 -22.36 36.82 -13.93
N ASN B 165 -23.15 37.04 -14.98
CA ASN B 165 -24.60 36.99 -14.87
C ASN B 165 -25.24 35.83 -15.61
N GLN B 166 -24.56 35.21 -16.58
CA GLN B 166 -25.11 34.12 -17.34
C GLN B 166 -24.25 32.87 -17.19
N ILE B 167 -24.90 31.72 -17.06
CA ILE B 167 -24.21 30.44 -16.93
C ILE B 167 -24.99 29.38 -17.70
N VAL B 168 -24.27 28.53 -18.41
CA VAL B 168 -24.86 27.43 -19.18
C VAL B 168 -24.52 26.12 -18.49
N THR B 169 -25.51 25.25 -18.38
CA THR B 169 -25.37 23.97 -17.72
C THR B 169 -25.88 22.86 -18.64
N SER B 170 -25.42 21.64 -18.37
CA SER B 170 -25.90 20.45 -19.06
C SER B 170 -26.23 19.39 -18.03
N SER B 171 -27.36 18.72 -18.20
CA SER B 171 -27.85 17.81 -17.18
C SER B 171 -28.01 16.41 -17.74
N GLY B 172 -28.15 15.45 -16.84
CA GLY B 172 -28.43 14.08 -17.22
C GLY B 172 -29.83 13.84 -17.73
N ASP B 173 -30.67 14.87 -17.78
CA ASP B 173 -32.01 14.77 -18.34
C ASP B 173 -32.03 15.09 -19.84
N THR B 174 -30.90 14.92 -20.52
CA THR B 174 -30.79 15.14 -21.96
C THR B 174 -31.11 16.59 -22.34
N THR B 175 -30.70 17.54 -21.50
CA THR B 175 -31.09 18.92 -21.69
C THR B 175 -29.98 19.85 -21.24
N CYS B 176 -29.75 20.90 -22.02
CA CYS B 176 -28.90 22.01 -21.61
C CYS B 176 -29.77 23.21 -21.25
N ALA B 177 -29.21 24.11 -20.46
CA ALA B 177 -29.95 25.27 -19.99
C ALA B 177 -29.04 26.47 -19.91
N LEU B 178 -29.62 27.65 -20.12
CA LEU B 178 -28.93 28.93 -19.98
C LEU B 178 -29.70 29.75 -18.96
N TRP B 179 -29.04 30.13 -17.88
CA TRP B 179 -29.68 30.76 -16.73
C TRP B 179 -29.33 32.24 -16.67
N ASP B 180 -30.06 32.94 -15.79
CA ASP B 180 -29.78 34.31 -15.40
C ASP B 180 -29.52 34.28 -13.90
N ILE B 181 -28.25 34.39 -13.50
CA ILE B 181 -27.88 34.16 -12.12
C ILE B 181 -28.50 35.19 -11.19
N GLU B 182 -28.77 36.39 -11.69
CA GLU B 182 -29.32 37.43 -10.83
C GLU B 182 -30.73 37.08 -10.36
N THR B 183 -31.61 36.69 -11.29
CA THR B 183 -32.96 36.29 -10.93
C THR B 183 -33.07 34.81 -10.60
N GLY B 184 -32.20 33.98 -11.15
CA GLY B 184 -32.17 32.58 -10.80
C GLY B 184 -33.21 31.72 -11.50
N GLN B 185 -33.50 32.00 -12.77
CA GLN B 185 -34.49 31.25 -13.52
C GLN B 185 -33.96 30.94 -14.91
N GLN B 186 -34.36 29.78 -15.43
CA GLN B 186 -33.93 29.33 -16.75
C GLN B 186 -34.34 30.32 -17.85
N THR B 187 -33.36 30.96 -18.47
CA THR B 187 -33.66 31.86 -19.58
C THR B 187 -33.92 31.09 -20.86
N THR B 188 -33.09 30.07 -21.13
CA THR B 188 -33.22 29.29 -22.36
C THR B 188 -33.05 27.82 -22.04
N THR B 189 -33.77 26.97 -22.78
CA THR B 189 -33.71 25.53 -22.61
C THR B 189 -33.40 24.87 -23.96
N PHE B 190 -32.26 24.20 -24.05
CA PHE B 190 -31.83 23.51 -25.25
C PHE B 190 -32.16 22.03 -25.13
N THR B 191 -33.01 21.54 -26.04
CA THR B 191 -33.44 20.15 -26.05
C THR B 191 -33.21 19.58 -27.44
N GLY B 192 -33.08 18.26 -27.51
CA GLY B 192 -32.83 17.59 -28.78
C GLY B 192 -31.95 16.38 -28.65
N HIS B 193 -31.20 16.28 -27.56
CA HIS B 193 -30.41 15.09 -27.29
C HIS B 193 -31.31 13.96 -26.81
N THR B 194 -30.87 12.73 -27.03
CA THR B 194 -31.59 11.56 -26.57
C THR B 194 -30.85 10.79 -25.49
N GLY B 195 -29.70 11.31 -25.02
CA GLY B 195 -28.99 10.69 -23.93
C GLY B 195 -28.45 11.75 -22.99
N ASP B 196 -27.87 11.28 -21.89
CA ASP B 196 -27.29 12.18 -20.89
C ASP B 196 -26.22 13.05 -21.53
N VAL B 197 -26.40 14.37 -21.47
CA VAL B 197 -25.39 15.30 -21.95
C VAL B 197 -24.24 15.29 -20.96
N MET B 198 -23.10 14.72 -21.36
CA MET B 198 -22.01 14.49 -20.42
C MET B 198 -21.05 15.66 -20.31
N SER B 199 -21.02 16.55 -21.30
CA SER B 199 -20.10 17.68 -21.25
C SER B 199 -20.57 18.73 -22.25
N LEU B 200 -20.07 19.95 -22.06
CA LEU B 200 -20.32 21.03 -23.00
C LEU B 200 -19.05 21.87 -23.10
N SER B 201 -19.01 22.72 -24.12
CA SER B 201 -17.84 23.55 -24.36
C SER B 201 -18.29 24.86 -24.98
N LEU B 202 -17.90 25.97 -24.37
CA LEU B 202 -18.26 27.28 -24.90
C LEU B 202 -17.28 27.67 -25.99
N ALA B 203 -17.81 28.24 -27.07
CA ALA B 203 -16.97 28.76 -28.13
C ALA B 203 -16.17 29.97 -27.63
N PRO B 204 -15.05 30.29 -28.26
CA PRO B 204 -14.30 31.48 -27.86
C PRO B 204 -15.12 32.76 -27.92
N ASP B 205 -15.91 32.95 -28.96
CA ASP B 205 -16.80 34.11 -29.04
C ASP B 205 -18.05 33.93 -28.19
N THR B 206 -18.30 32.73 -27.66
CA THR B 206 -19.37 32.40 -26.72
C THR B 206 -20.74 32.46 -27.38
N ARG B 207 -20.84 32.83 -28.66
CA ARG B 207 -22.13 32.87 -29.33
C ARG B 207 -22.72 31.47 -29.51
N LEU B 208 -21.87 30.45 -29.58
CA LEU B 208 -22.32 29.07 -29.74
C LEU B 208 -21.69 28.21 -28.66
N PHE B 209 -22.24 27.01 -28.48
CA PHE B 209 -21.62 26.03 -27.62
C PHE B 209 -22.01 24.63 -28.08
N VAL B 210 -21.08 23.70 -27.98
CA VAL B 210 -21.28 22.34 -28.44
C VAL B 210 -21.42 21.43 -27.22
N SER B 211 -22.22 20.38 -27.36
CA SER B 211 -22.48 19.47 -26.26
C SER B 211 -22.50 18.04 -26.76
N GLY B 212 -21.80 17.16 -26.05
CA GLY B 212 -21.77 15.74 -26.37
C GLY B 212 -22.60 14.96 -25.36
N ALA B 213 -23.38 14.01 -25.87
CA ALA B 213 -24.29 13.23 -25.05
C ALA B 213 -23.99 11.75 -25.18
N CYS B 214 -24.75 10.95 -24.42
CA CYS B 214 -24.57 9.51 -24.39
C CYS B 214 -25.22 8.80 -25.58
N ASP B 215 -25.77 9.53 -26.53
CA ASP B 215 -26.31 8.92 -27.75
C ASP B 215 -25.32 8.92 -28.90
N ALA B 216 -24.03 9.10 -28.61
CA ALA B 216 -22.95 9.11 -29.60
C ALA B 216 -23.09 10.23 -30.62
N SER B 217 -23.75 11.33 -30.25
CA SER B 217 -23.92 12.48 -31.13
C SER B 217 -23.54 13.75 -30.39
N ALA B 218 -23.00 14.72 -31.13
CA ALA B 218 -22.63 16.01 -30.58
C ALA B 218 -23.41 17.10 -31.29
N LYS B 219 -24.08 17.95 -30.52
CA LYS B 219 -24.95 18.97 -31.10
C LYS B 219 -24.40 20.37 -30.82
N LEU B 220 -24.56 21.25 -31.80
CA LEU B 220 -24.11 22.63 -31.69
C LEU B 220 -25.31 23.54 -31.51
N TRP B 221 -25.29 24.35 -30.44
CA TRP B 221 -26.41 25.20 -30.09
C TRP B 221 -26.01 26.66 -30.15
N ASP B 222 -26.87 27.48 -30.76
CA ASP B 222 -26.74 28.92 -30.67
C ASP B 222 -27.30 29.40 -29.33
N VAL B 223 -26.46 30.05 -28.54
CA VAL B 223 -26.87 30.37 -27.18
C VAL B 223 -27.90 31.49 -27.15
N ARG B 224 -27.94 32.34 -28.18
CA ARG B 224 -28.90 33.43 -28.19
C ARG B 224 -30.30 32.93 -28.48
N GLU B 225 -30.45 32.02 -29.44
CA GLU B 225 -31.71 31.35 -29.69
C GLU B 225 -31.78 30.06 -28.87
N GLY B 226 -32.76 29.22 -29.19
CA GLY B 226 -32.88 27.91 -28.58
C GLY B 226 -32.77 26.76 -29.55
N MET B 227 -32.34 26.99 -30.78
CA MET B 227 -32.31 25.96 -31.80
C MET B 227 -30.97 25.24 -31.81
N CYS B 228 -30.94 24.11 -32.52
CA CYS B 228 -29.75 23.31 -32.70
C CYS B 228 -29.26 23.50 -34.14
N ARG B 229 -28.06 24.07 -34.29
CA ARG B 229 -27.55 24.35 -35.63
C ARG B 229 -27.22 23.06 -36.37
N GLN B 230 -26.29 22.27 -35.84
CA GLN B 230 -25.85 21.05 -36.49
C GLN B 230 -25.77 19.92 -35.48
N THR B 231 -25.81 18.69 -36.00
CA THR B 231 -25.57 17.49 -35.21
C THR B 231 -24.54 16.63 -35.91
N PHE B 232 -23.64 16.06 -35.13
CA PHE B 232 -22.49 15.31 -35.65
C PHE B 232 -22.53 13.90 -35.08
N THR B 233 -22.39 12.92 -35.97
CA THR B 233 -22.30 11.52 -35.59
C THR B 233 -20.99 10.95 -36.13
N GLY B 234 -20.70 9.73 -35.70
CA GLY B 234 -19.47 9.07 -36.09
C GLY B 234 -18.88 8.27 -34.95
N HIS B 235 -19.26 8.61 -33.73
CA HIS B 235 -18.86 7.84 -32.57
C HIS B 235 -19.77 6.62 -32.41
N GLU B 236 -19.24 5.60 -31.75
CA GLU B 236 -19.98 4.36 -31.54
C GLU B 236 -20.47 4.19 -30.12
N SER B 237 -20.09 5.07 -29.20
CA SER B 237 -20.46 4.93 -27.80
C SER B 237 -20.68 6.32 -27.21
N ASP B 238 -20.80 6.36 -25.88
CA ASP B 238 -21.13 7.61 -25.19
C ASP B 238 -19.97 8.59 -25.27
N ILE B 239 -20.29 9.83 -25.61
CA ILE B 239 -19.29 10.90 -25.65
C ILE B 239 -19.13 11.46 -24.23
N ASN B 240 -17.92 11.35 -23.68
CA ASN B 240 -17.65 11.77 -22.32
C ASN B 240 -17.01 13.14 -22.22
N ALA B 241 -16.35 13.60 -23.28
CA ALA B 241 -15.63 14.86 -23.24
C ALA B 241 -15.77 15.57 -24.58
N ILE B 242 -15.65 16.89 -24.54
CA ILE B 242 -15.78 17.72 -25.73
C ILE B 242 -15.03 19.03 -25.48
N CYS B 243 -14.50 19.60 -26.55
CA CYS B 243 -13.71 20.82 -26.44
C CYS B 243 -13.52 21.49 -27.79
N PHE B 244 -13.78 22.79 -27.87
CA PHE B 244 -13.56 23.52 -29.11
C PHE B 244 -12.08 23.68 -29.43
N PHE B 245 -11.79 23.69 -30.73
CA PHE B 245 -10.49 24.11 -31.21
C PHE B 245 -10.30 25.59 -30.88
N PRO B 246 -9.06 26.01 -30.58
CA PRO B 246 -8.82 27.43 -30.31
C PRO B 246 -9.28 28.36 -31.42
N ASN B 247 -9.40 27.86 -32.65
CA ASN B 247 -9.93 28.67 -33.73
C ASN B 247 -11.42 28.94 -33.55
N GLY B 248 -12.16 28.01 -32.96
CA GLY B 248 -13.58 28.14 -32.81
C GLY B 248 -14.40 27.60 -33.97
N ASN B 249 -13.76 26.93 -34.93
CA ASN B 249 -14.45 26.37 -36.08
C ASN B 249 -14.39 24.85 -36.12
N ALA B 250 -13.92 24.21 -35.05
CA ALA B 250 -13.84 22.77 -34.98
C ALA B 250 -13.81 22.36 -33.52
N PHE B 251 -14.05 21.08 -33.27
CA PHE B 251 -14.02 20.59 -31.90
C PHE B 251 -13.61 19.12 -31.91
N ALA B 252 -13.41 18.58 -30.71
CA ALA B 252 -12.93 17.22 -30.54
C ALA B 252 -13.75 16.54 -29.45
N THR B 253 -14.01 15.25 -29.65
CA THR B 253 -14.83 14.47 -28.73
C THR B 253 -14.13 13.17 -28.39
N GLY B 254 -14.17 12.79 -27.12
CA GLY B 254 -13.71 11.48 -26.68
C GLY B 254 -14.88 10.64 -26.24
N SER B 255 -14.81 9.35 -26.49
CA SER B 255 -15.91 8.45 -26.19
C SER B 255 -15.42 7.21 -25.46
N ASP B 256 -16.36 6.32 -25.14
CA ASP B 256 -16.03 5.04 -24.52
C ASP B 256 -15.46 4.03 -25.50
N ASP B 257 -15.53 4.29 -26.79
CA ASP B 257 -14.96 3.39 -27.79
C ASP B 257 -13.46 3.57 -27.96
N ALA B 258 -12.81 4.28 -27.03
CA ALA B 258 -11.36 4.46 -27.03
C ALA B 258 -10.90 5.14 -28.32
N THR B 259 -11.53 6.27 -28.65
CA THR B 259 -11.23 6.96 -29.89
C THR B 259 -11.62 8.42 -29.76
N CYS B 260 -10.71 9.32 -30.13
CA CYS B 260 -11.03 10.72 -30.27
C CYS B 260 -11.47 11.00 -31.71
N ARG B 261 -12.39 11.94 -31.86
CA ARG B 261 -12.83 12.36 -33.18
C ARG B 261 -12.82 13.88 -33.24
N LEU B 262 -12.14 14.42 -34.24
CA LEU B 262 -12.12 15.85 -34.50
C LEU B 262 -13.09 16.16 -35.62
N PHE B 263 -14.13 16.93 -35.30
CA PHE B 263 -15.15 17.38 -36.23
C PHE B 263 -14.93 18.84 -36.59
N ASP B 264 -15.39 19.22 -37.78
CA ASP B 264 -15.32 20.58 -38.26
C ASP B 264 -16.73 21.11 -38.47
N LEU B 265 -16.99 22.31 -37.98
CA LEU B 265 -18.36 22.85 -38.03
C LEU B 265 -18.78 23.18 -39.45
N ARG B 266 -17.90 23.82 -40.22
CA ARG B 266 -18.25 24.23 -41.57
C ARG B 266 -18.30 23.08 -42.56
N ALA B 267 -17.67 21.95 -42.24
CA ALA B 267 -17.75 20.77 -43.08
C ALA B 267 -18.87 19.82 -42.66
N ASP B 268 -19.37 19.94 -41.44
CA ASP B 268 -20.50 19.21 -40.88
C ASP B 268 -20.20 17.73 -40.67
N GLN B 269 -19.02 17.25 -41.04
CA GLN B 269 -18.66 15.84 -40.85
C GLN B 269 -17.34 15.75 -40.12
N GLU B 270 -17.02 14.55 -39.65
CA GLU B 270 -15.79 14.36 -38.89
C GLU B 270 -14.58 14.48 -39.81
N LEU B 271 -13.50 15.04 -39.27
CA LEU B 271 -12.27 15.24 -40.01
C LEU B 271 -11.17 14.28 -39.63
N MET B 272 -11.03 13.96 -38.34
CA MET B 272 -9.90 13.15 -37.92
C MET B 272 -10.34 12.15 -36.87
N THR B 273 -9.66 11.02 -36.83
CA THR B 273 -9.88 10.01 -35.80
C THR B 273 -8.55 9.61 -35.17
N TYR B 274 -8.51 9.59 -33.85
CA TYR B 274 -7.32 9.27 -33.08
C TYR B 274 -7.60 8.00 -32.28
N SER B 275 -6.97 6.89 -32.69
CA SER B 275 -7.21 5.61 -32.05
C SER B 275 -6.03 4.69 -32.33
N HIS B 276 -5.63 3.94 -31.31
CA HIS B 276 -4.61 2.91 -31.45
C HIS B 276 -5.22 1.56 -31.08
N ASP B 277 -4.69 0.50 -31.69
CA ASP B 277 -5.21 -0.83 -31.41
C ASP B 277 -4.93 -1.27 -29.98
N ASN B 278 -3.80 -0.83 -29.41
CA ASN B 278 -3.48 -1.13 -28.02
C ASN B 278 -4.18 -0.21 -27.04
N ILE B 279 -5.03 0.70 -27.50
CA ILE B 279 -5.82 1.57 -26.65
C ILE B 279 -7.25 1.06 -26.69
N ILE B 280 -7.70 0.40 -25.61
CA ILE B 280 -9.03 -0.16 -25.52
C ILE B 280 -9.81 0.39 -24.34
N CYS B 281 -9.35 1.48 -23.74
CA CYS B 281 -10.02 2.10 -22.60
C CYS B 281 -10.65 3.42 -23.04
N GLY B 282 -11.80 3.72 -22.45
CA GLY B 282 -12.52 4.93 -22.79
C GLY B 282 -11.74 6.19 -22.48
N ILE B 283 -12.33 7.32 -22.88
CA ILE B 283 -11.72 8.64 -22.70
C ILE B 283 -12.61 9.44 -21.75
N THR B 284 -11.97 10.12 -20.80
CA THR B 284 -12.68 10.86 -19.78
C THR B 284 -12.56 12.37 -19.90
N SER B 285 -11.56 12.87 -20.61
CA SER B 285 -11.33 14.30 -20.70
C SER B 285 -10.51 14.61 -21.94
N VAL B 286 -10.79 15.75 -22.55
CA VAL B 286 -10.13 16.18 -23.78
C VAL B 286 -9.97 17.70 -23.72
N SER B 287 -8.77 18.18 -24.07
CA SER B 287 -8.53 19.60 -24.10
C SER B 287 -7.39 19.89 -25.06
N PHE B 288 -7.57 20.88 -25.92
CA PHE B 288 -6.52 21.30 -26.84
C PHE B 288 -5.48 22.14 -26.12
N SER B 289 -4.33 22.31 -26.77
CA SER B 289 -3.31 23.22 -26.29
C SER B 289 -3.68 24.63 -26.74
N LYS B 290 -2.75 25.58 -26.58
CA LYS B 290 -3.06 26.96 -26.93
C LYS B 290 -3.15 27.15 -28.45
N SER B 291 -2.27 26.49 -29.20
CA SER B 291 -2.24 26.63 -30.65
C SER B 291 -3.07 25.58 -31.36
N GLY B 292 -3.58 24.58 -30.66
CA GLY B 292 -4.38 23.55 -31.26
C GLY B 292 -3.62 22.45 -31.97
N ARG B 293 -2.28 22.47 -31.91
CA ARG B 293 -1.51 21.42 -32.56
C ARG B 293 -1.56 20.12 -31.78
N LEU B 294 -1.60 20.20 -30.46
CA LEU B 294 -1.64 19.03 -29.60
C LEU B 294 -3.05 18.82 -29.07
N LEU B 295 -3.41 17.56 -28.85
CA LEU B 295 -4.69 17.18 -28.28
C LEU B 295 -4.42 16.27 -27.09
N LEU B 296 -4.70 16.77 -25.89
CA LEU B 296 -4.46 16.02 -24.66
C LEU B 296 -5.74 15.31 -24.28
N ALA B 297 -5.67 13.99 -24.11
CA ALA B 297 -6.84 13.18 -23.79
C ALA B 297 -6.51 12.27 -22.62
N GLY B 298 -7.30 12.35 -21.56
CA GLY B 298 -7.15 11.45 -20.43
C GLY B 298 -7.96 10.18 -20.63
N TYR B 299 -7.37 9.06 -20.24
CA TYR B 299 -7.96 7.75 -20.48
C TYR B 299 -8.26 7.06 -19.15
N ASP B 300 -8.81 5.85 -19.25
CA ASP B 300 -9.06 5.01 -18.09
C ASP B 300 -7.89 4.14 -17.70
N ASP B 301 -6.85 4.12 -18.56
CA ASP B 301 -5.59 3.37 -18.31
C ASP B 301 -4.77 4.14 -17.25
N PHE B 302 -5.33 5.20 -16.66
CA PHE B 302 -4.66 5.99 -15.59
C PHE B 302 -3.65 6.96 -16.19
N ASN B 303 -3.57 7.06 -17.52
CA ASN B 303 -2.56 7.93 -18.16
C ASN B 303 -3.24 8.94 -19.09
N CYS B 304 -2.51 9.99 -19.50
CA CYS B 304 -2.99 10.83 -20.58
C CYS B 304 -2.15 10.60 -21.83
N ASN B 305 -2.73 10.90 -22.98
CA ASN B 305 -2.02 10.83 -24.25
C ASN B 305 -2.08 12.17 -24.95
N VAL B 306 -0.94 12.61 -25.46
CA VAL B 306 -0.83 13.84 -26.23
C VAL B 306 -0.72 13.43 -27.70
N TRP B 307 -1.80 13.64 -28.45
CA TRP B 307 -1.88 13.34 -29.86
C TRP B 307 -1.48 14.54 -30.70
N ASP B 308 -0.89 14.27 -31.86
CA ASP B 308 -0.66 15.30 -32.86
C ASP B 308 -1.96 15.52 -33.61
N ALA B 309 -2.65 16.62 -33.32
CA ALA B 309 -4.00 16.85 -33.81
C ALA B 309 -4.07 17.07 -35.31
N LEU B 310 -2.95 16.97 -36.02
CA LEU B 310 -2.93 17.08 -37.47
C LEU B 310 -2.50 15.79 -38.14
N LYS B 311 -1.47 15.12 -37.61
CA LYS B 311 -1.01 13.86 -38.17
C LYS B 311 -1.65 12.65 -37.51
N ALA B 312 -2.43 12.85 -36.44
CA ALA B 312 -3.14 11.79 -35.74
C ALA B 312 -2.21 10.75 -35.14
N ASP B 313 -0.93 11.05 -35.01
CA ASP B 313 0.05 10.16 -34.41
C ASP B 313 0.35 10.61 -32.99
N ARG B 314 0.46 9.64 -32.08
CA ARG B 314 0.74 9.96 -30.69
C ARG B 314 2.08 10.68 -30.57
N ALA B 315 2.05 11.85 -29.93
CA ALA B 315 3.27 12.60 -29.69
C ALA B 315 3.84 12.39 -28.30
N GLY B 316 3.03 11.99 -27.33
CA GLY B 316 3.58 11.77 -26.00
C GLY B 316 2.58 11.12 -25.08
N VAL B 317 3.05 10.76 -23.88
CA VAL B 317 2.13 10.18 -22.85
C VAL B 317 2.50 10.76 -21.49
N LEU B 318 1.54 11.42 -20.82
CA LEU B 318 1.81 11.90 -19.45
C LEU B 318 1.50 10.74 -18.50
N ALA B 319 2.49 10.11 -17.89
CA ALA B 319 2.22 8.83 -17.19
C ALA B 319 2.44 8.93 -15.69
N GLY B 320 1.75 9.85 -15.01
CA GLY B 320 2.00 10.06 -13.55
C GLY B 320 0.81 9.76 -12.65
N HIS B 321 -0.28 9.17 -13.15
CA HIS B 321 -1.49 9.01 -12.29
C HIS B 321 -1.71 7.55 -11.90
N ASP B 322 -2.03 7.30 -10.63
CA ASP B 322 -2.24 5.90 -10.13
C ASP B 322 -3.70 5.48 -10.28
N ASN B 323 -4.58 6.37 -10.71
CA ASN B 323 -6.02 6.06 -10.86
C ASN B 323 -6.56 6.75 -12.12
N ARG B 324 -7.79 6.43 -12.53
CA ARG B 324 -8.33 6.96 -13.80
C ARG B 324 -8.28 8.49 -13.76
N VAL B 325 -7.76 9.10 -14.83
CA VAL B 325 -7.76 10.59 -14.90
C VAL B 325 -9.21 11.00 -15.11
N SER B 326 -9.74 11.85 -14.24
CA SER B 326 -11.17 12.24 -14.32
C SER B 326 -11.24 13.51 -15.17
N CYS B 327 -10.37 14.47 -14.85
CA CYS B 327 -10.44 15.82 -15.46
C CYS B 327 -9.11 16.20 -16.10
N LEU B 328 -9.15 17.21 -16.96
CA LEU B 328 -7.97 17.70 -17.65
C LEU B 328 -8.23 19.12 -18.10
N GLY B 329 -7.28 20.01 -17.87
CA GLY B 329 -7.45 21.40 -18.26
C GLY B 329 -6.13 22.00 -18.66
N VAL B 330 -6.19 22.97 -19.55
CA VAL B 330 -5.01 23.69 -20.03
C VAL B 330 -5.22 25.18 -19.76
N THR B 331 -4.15 25.85 -19.32
CA THR B 331 -4.22 27.27 -19.03
C THR B 331 -4.57 28.05 -20.29
N ASP B 332 -5.11 29.27 -20.08
CA ASP B 332 -5.50 30.10 -21.20
C ASP B 332 -4.30 30.61 -21.99
N ASP B 333 -3.12 30.67 -21.38
CA ASP B 333 -1.90 31.04 -22.07
C ASP B 333 -1.06 29.83 -22.45
N GLY B 334 -1.60 28.62 -22.28
CA GLY B 334 -0.88 27.41 -22.68
C GLY B 334 0.39 27.17 -21.92
N MET B 335 0.47 27.61 -20.67
CA MET B 335 1.70 27.49 -19.90
C MET B 335 1.78 26.21 -19.09
N ALA B 336 0.66 25.62 -18.72
CA ALA B 336 0.67 24.40 -17.92
C ALA B 336 -0.54 23.56 -18.27
N VAL B 337 -0.51 22.31 -17.82
CA VAL B 337 -1.62 21.37 -18.01
C VAL B 337 -1.91 20.72 -16.67
N ALA B 338 -3.11 21.00 -16.15
CA ALA B 338 -3.54 20.46 -14.84
C ALA B 338 -4.38 19.21 -15.09
N THR B 339 -3.95 18.07 -14.55
CA THR B 339 -4.72 16.82 -14.68
C THR B 339 -5.14 16.35 -13.28
N GLY B 340 -6.43 16.17 -13.07
CA GLY B 340 -6.92 15.59 -11.80
C GLY B 340 -7.19 14.12 -11.98
N SER B 341 -7.43 13.40 -10.89
CA SER B 341 -7.61 11.94 -11.00
C SER B 341 -8.40 11.40 -9.82
N TRP B 342 -8.86 10.15 -9.94
CA TRP B 342 -9.57 9.50 -8.81
C TRP B 342 -8.56 9.20 -7.71
N ASP B 343 -7.26 9.36 -8.02
CA ASP B 343 -6.18 9.18 -7.01
C ASP B 343 -6.25 10.32 -5.99
N SER B 344 -6.98 11.40 -6.29
CA SER B 344 -7.18 12.54 -5.34
C SER B 344 -6.07 13.59 -5.44
N PHE B 345 -5.19 13.48 -6.43
CA PHE B 345 -4.06 14.42 -6.57
C PHE B 345 -4.14 15.17 -7.90
N LEU B 346 -4.00 16.48 -7.89
CA LEU B 346 -3.95 17.26 -9.15
C LEU B 346 -2.49 17.52 -9.48
N LYS B 347 -2.06 17.18 -10.70
CA LYS B 347 -0.65 17.37 -11.10
C LYS B 347 -0.57 18.44 -12.19
N ILE B 348 0.32 19.42 -12.01
CA ILE B 348 0.52 20.47 -13.06
C ILE B 348 1.72 20.06 -13.91
N TRP B 349 1.50 19.84 -15.21
CA TRP B 349 2.56 19.36 -16.12
C TRP B 349 3.03 20.53 -16.99
N ASN B 350 4.30 20.52 -17.39
CA ASN B 350 4.85 21.66 -18.18
C ASN B 350 6.07 21.17 -18.98
N ASN C 41 74.14 -28.86 43.31
CA ASN C 41 72.80 -29.38 43.59
C ASN C 41 71.73 -28.35 43.25
N TYR C 42 70.47 -28.76 43.33
CA TYR C 42 69.38 -27.83 43.06
C TYR C 42 69.26 -26.79 44.17
N GLU C 43 69.61 -27.16 45.41
CA GLU C 43 69.53 -26.23 46.52
C GLU C 43 70.53 -25.07 46.36
N THR C 44 71.70 -25.35 45.81
CA THR C 44 72.69 -24.28 45.59
C THR C 44 72.17 -23.25 44.60
N ALA C 45 71.64 -23.71 43.47
CA ALA C 45 71.07 -22.79 42.49
C ALA C 45 69.87 -22.06 43.06
N VAL C 46 69.05 -22.75 43.87
CA VAL C 46 67.89 -22.10 44.48
C VAL C 46 68.34 -20.98 45.42
N GLN C 47 69.37 -21.23 46.21
CA GLN C 47 69.86 -20.22 47.14
C GLN C 47 70.50 -19.04 46.41
N PHE C 48 71.29 -19.32 45.37
CA PHE C 48 71.88 -18.23 44.58
C PHE C 48 70.81 -17.40 43.90
N CYS C 49 69.77 -18.07 43.39
CA CYS C 49 68.65 -17.39 42.73
C CYS C 49 67.85 -16.54 43.71
N TRP C 50 67.62 -17.06 44.92
CA TRP C 50 66.94 -16.28 45.95
C TRP C 50 67.78 -15.07 46.36
N ASN C 51 69.09 -15.25 46.47
CA ASN C 51 69.97 -14.12 46.78
C ASN C 51 69.93 -13.06 45.68
N HIS C 52 69.92 -13.48 44.41
CA HIS C 52 69.81 -12.52 43.33
C HIS C 52 68.48 -11.79 43.35
N TYR C 53 67.39 -12.51 43.64
CA TYR C 53 66.08 -11.86 43.74
C TYR C 53 66.05 -10.87 44.89
N LYS C 54 66.67 -11.22 46.02
CA LYS C 54 66.72 -10.30 47.16
C LYS C 54 67.55 -9.07 46.80
N ASP C 55 68.65 -9.26 46.09
CA ASP C 55 69.49 -8.12 45.69
C ASP C 55 68.75 -7.21 44.72
N GLN C 56 67.93 -7.78 43.85
CA GLN C 56 67.15 -7.02 42.89
C GLN C 56 65.93 -6.36 43.54
N MET C 57 65.44 -6.89 44.66
CA MET C 57 64.26 -6.33 45.31
C MET C 57 64.60 -5.44 46.50
N ASP C 58 65.86 -5.40 46.92
CA ASP C 58 66.26 -4.51 48.02
C ASP C 58 65.85 -3.07 47.81
N PRO C 59 65.98 -2.49 46.62
CA PRO C 59 65.52 -1.11 46.38
C PRO C 59 64.07 -0.99 45.96
N ILE C 60 63.27 -2.07 46.05
CA ILE C 60 61.88 -2.03 45.65
C ILE C 60 60.94 -1.79 46.82
N GLU C 61 61.45 -1.32 47.97
CA GLU C 61 60.61 -1.07 49.12
C GLU C 61 59.61 0.05 48.89
N LYS C 62 59.90 0.99 47.98
CA LYS C 62 58.96 2.05 47.68
C LYS C 62 57.78 1.53 46.88
N ASP C 63 57.97 0.43 46.16
CA ASP C 63 56.92 -0.18 45.35
C ASP C 63 56.83 -1.67 45.68
N TRP C 64 56.80 -1.99 46.98
CA TRP C 64 56.79 -3.37 47.41
C TRP C 64 55.50 -4.09 47.04
N CYS C 65 54.47 -3.36 46.62
CA CYS C 65 53.19 -3.95 46.21
C CYS C 65 52.80 -3.56 44.80
N ASP C 66 53.68 -2.90 44.05
CA ASP C 66 53.41 -2.51 42.66
C ASP C 66 53.97 -3.59 41.75
N TRP C 67 53.09 -4.47 41.26
CA TRP C 67 53.50 -5.55 40.39
C TRP C 67 53.78 -5.10 38.97
N ALA C 68 53.49 -3.85 38.63
CA ALA C 68 53.76 -3.35 37.28
C ALA C 68 55.26 -3.29 37.01
N MET C 69 56.01 -2.64 37.89
CA MET C 69 57.45 -2.53 37.74
C MET C 69 58.22 -3.66 38.40
N ILE C 70 57.58 -4.41 39.30
CA ILE C 70 58.24 -5.53 39.97
C ILE C 70 57.94 -6.86 39.31
N SER C 71 57.32 -6.86 38.13
CA SER C 71 57.01 -8.10 37.44
C SER C 71 58.25 -8.80 36.90
N ARG C 72 59.33 -8.06 36.64
CA ARG C 72 60.54 -8.64 36.09
C ARG C 72 61.19 -9.57 37.11
N PRO C 73 61.31 -9.15 38.37
CA PRO C 73 61.89 -10.05 39.38
C PRO C 73 61.04 -11.27 39.64
N TYR C 74 59.71 -11.11 39.70
CA TYR C 74 58.85 -12.25 39.90
C TYR C 74 58.91 -13.22 38.72
N SER C 75 58.96 -12.70 37.49
CA SER C 75 59.07 -13.56 36.33
C SER C 75 60.41 -14.30 36.32
N THR C 76 61.49 -13.61 36.68
CA THR C 76 62.79 -14.26 36.77
C THR C 76 62.79 -15.35 37.84
N LEU C 77 62.17 -15.08 38.99
CA LEU C 77 62.09 -16.09 40.04
C LEU C 77 61.27 -17.29 39.59
N ARG C 78 60.17 -17.05 38.87
CA ARG C 78 59.33 -18.14 38.40
C ARG C 78 60.06 -18.99 37.35
N ASP C 79 60.77 -18.35 36.42
CA ASP C 79 61.55 -19.10 35.44
C ASP C 79 62.67 -19.89 36.12
N CYS C 80 63.30 -19.28 37.12
CA CYS C 80 64.32 -19.96 37.90
C CYS C 80 63.76 -21.20 38.61
N LEU C 81 62.58 -21.07 39.22
CA LEU C 81 61.95 -22.20 39.89
C LEU C 81 61.58 -23.29 38.90
N GLU C 82 61.02 -22.90 37.75
CA GLU C 82 60.67 -23.89 36.74
C GLU C 82 61.91 -24.64 36.23
N HIS C 83 63.01 -23.92 36.03
CA HIS C 83 64.24 -24.55 35.58
C HIS C 83 64.78 -25.52 36.63
N PHE C 84 64.83 -25.08 37.89
CA PHE C 84 65.33 -25.93 38.96
C PHE C 84 64.43 -27.13 39.22
N ALA C 85 63.15 -27.03 38.86
CA ALA C 85 62.25 -28.17 39.03
C ALA C 85 62.32 -29.13 37.86
N GLU C 86 62.45 -28.61 36.64
CA GLU C 86 62.55 -29.46 35.45
C GLU C 86 63.91 -30.12 35.31
N LEU C 87 64.96 -29.54 35.88
CA LEU C 87 66.28 -30.17 35.81
C LEU C 87 66.35 -31.40 36.70
N PHE C 88 65.55 -31.45 37.76
CA PHE C 88 65.53 -32.60 38.66
C PHE C 88 64.19 -33.32 38.67
N ASP C 89 63.28 -32.98 37.74
CA ASP C 89 61.96 -33.59 37.63
C ASP C 89 61.19 -33.45 38.95
N LEU C 90 61.04 -32.20 39.37
CA LEU C 90 60.33 -31.87 40.60
C LEU C 90 58.91 -31.42 40.28
N GLY C 91 57.98 -31.76 41.18
CA GLY C 91 56.59 -31.39 41.00
C GLY C 91 56.32 -29.98 41.46
N PHE C 92 55.41 -29.31 40.76
CA PHE C 92 55.01 -27.95 41.07
C PHE C 92 53.51 -27.89 41.31
N PRO C 93 53.06 -27.26 42.41
CA PRO C 93 53.91 -26.61 43.41
C PRO C 93 54.43 -27.57 44.47
N ASN C 94 55.56 -27.23 45.09
CA ASN C 94 56.17 -28.07 46.12
C ASN C 94 56.35 -27.26 47.40
N PRO C 95 56.85 -27.88 48.47
CA PRO C 95 57.07 -27.11 49.71
C PRO C 95 58.08 -26.00 49.57
N LEU C 96 59.09 -26.16 48.70
CA LEU C 96 60.05 -25.10 48.47
C LEU C 96 59.39 -23.87 47.86
N ALA C 97 58.45 -24.08 46.95
CA ALA C 97 57.72 -22.97 46.35
C ALA C 97 56.91 -22.21 47.41
N GLU C 98 56.23 -22.94 48.28
CA GLU C 98 55.47 -22.31 49.35
C GLU C 98 56.37 -21.56 50.32
N ARG C 99 57.54 -22.13 50.64
CA ARG C 99 58.47 -21.44 51.52
C ARG C 99 59.00 -20.16 50.88
N ILE C 100 59.34 -20.21 49.59
CA ILE C 100 59.82 -19.02 48.90
C ILE C 100 58.72 -17.97 48.82
N ILE C 101 57.47 -18.39 48.60
CA ILE C 101 56.37 -17.43 48.55
C ILE C 101 56.16 -16.78 49.91
N PHE C 102 56.20 -17.58 50.99
CA PHE C 102 56.06 -17.01 52.33
C PHE C 102 57.19 -16.04 52.63
N GLU C 103 58.41 -16.37 52.20
CA GLU C 103 59.55 -15.49 52.44
C GLU C 103 59.39 -14.17 51.68
N THR C 104 58.99 -14.25 50.41
CA THR C 104 58.84 -13.06 49.59
C THR C 104 57.59 -12.26 49.93
N HIS C 105 56.63 -12.83 50.64
CA HIS C 105 55.42 -12.12 51.01
C HIS C 105 55.44 -11.53 52.42
N GLN C 106 55.86 -12.32 53.42
CA GLN C 106 55.86 -11.83 54.79
C GLN C 106 56.90 -10.74 55.04
N ILE C 107 57.84 -10.54 54.11
CA ILE C 107 58.86 -9.52 54.27
C ILE C 107 58.74 -8.39 53.25
N HIS C 108 58.15 -8.64 52.08
CA HIS C 108 58.04 -7.63 51.04
C HIS C 108 56.59 -7.32 50.68
N PHE C 109 55.76 -8.34 50.48
CA PHE C 109 54.37 -8.17 50.05
C PHE C 109 53.38 -8.36 51.20
N ALA C 110 53.74 -7.92 52.40
CA ALA C 110 52.88 -8.04 53.57
C ALA C 110 52.13 -6.75 53.85
N ASN C 111 52.06 -5.84 52.87
CA ASN C 111 51.36 -4.57 53.03
C ASN C 111 50.56 -4.21 51.79
N CYS C 112 50.05 -5.21 51.07
CA CYS C 112 49.34 -5.01 49.82
C CYS C 112 47.84 -5.20 50.03
N SER C 113 47.04 -4.25 49.51
CA SER C 113 45.59 -4.24 49.75
C SER C 113 44.84 -3.80 48.49
N LEU C 114 44.83 -4.64 47.44
CA LEU C 114 44.11 -4.30 46.19
C LEU C 114 42.98 -5.33 45.96
N VAL C 115 41.75 -4.86 45.80
CA VAL C 115 40.58 -5.76 45.56
C VAL C 115 39.70 -5.14 44.47
N GLN C 116 39.60 -5.79 43.31
CA GLN C 116 38.81 -5.24 42.18
C GLN C 116 37.87 -6.31 41.64
N PRO C 117 36.77 -6.65 42.34
CA PRO C 117 35.87 -7.70 41.89
C PRO C 117 34.88 -7.13 40.86
N THR C 118 35.39 -6.74 39.69
CA THR C 118 34.53 -6.20 38.60
C THR C 118 33.58 -7.31 38.16
N PHE C 119 34.10 -8.52 38.03
CA PHE C 119 33.29 -9.70 37.63
C PHE C 119 32.51 -10.22 38.84
N SER C 120 31.69 -9.36 39.46
CA SER C 120 30.85 -9.79 40.60
C SER C 120 29.38 -9.78 40.19
N ASP C 121 28.68 -10.91 40.35
CA ASP C 121 27.25 -11.00 39.98
C ASP C 121 26.41 -10.17 40.97
N PRO C 122 25.36 -9.46 40.52
CA PRO C 122 24.47 -8.71 41.41
C PRO C 122 23.60 -9.68 42.23
N PRO C 123 22.99 -9.25 43.35
CA PRO C 123 22.22 -10.17 44.20
C PRO C 123 21.10 -10.79 43.37
N GLU C 124 20.89 -12.11 43.49
CA GLU C 124 19.89 -12.82 42.66
C GLU C 124 18.52 -12.14 42.78
N ASP C 125 18.02 -11.95 44.01
CA ASP C 125 16.69 -11.34 44.19
C ASP C 125 16.67 -9.95 43.55
N VAL C 126 17.73 -9.17 43.78
CA VAL C 126 17.83 -7.80 43.18
C VAL C 126 17.87 -7.96 41.67
N LEU C 127 18.67 -8.91 41.17
CA LEU C 127 18.77 -9.16 39.71
C LEU C 127 17.35 -9.40 39.18
N LEU C 128 16.62 -10.34 39.80
CA LEU C 128 15.29 -10.74 39.29
C LEU C 128 14.38 -9.50 39.27
N ALA C 129 14.44 -8.68 40.32
CA ALA C 129 13.57 -7.49 40.40
C ALA C 129 13.92 -6.55 39.23
N MET C 130 15.22 -6.34 38.98
CA MET C 130 15.66 -5.46 37.88
C MET C 130 15.19 -6.02 36.54
N ILE C 131 15.33 -7.33 36.33
CA ILE C 131 14.97 -7.97 35.03
C ILE C 131 13.47 -7.84 34.77
N ILE C 132 12.63 -8.08 35.79
CA ILE C 132 11.16 -8.09 35.55
C ILE C 132 10.54 -6.71 35.76
N ALA C 133 11.30 -5.72 36.26
CA ALA C 133 10.69 -4.41 36.57
C ALA C 133 10.16 -3.77 35.28
N PRO C 134 10.93 -3.77 34.17
CA PRO C 134 10.43 -3.25 32.89
C PRO C 134 9.30 -4.10 32.32
N ILE C 135 9.40 -5.43 32.45
CA ILE C 135 8.39 -6.34 31.85
C ILE C 135 7.03 -6.11 32.52
N CYS C 136 7.00 -5.95 33.84
CA CYS C 136 5.71 -5.79 34.58
C CYS C 136 5.04 -4.48 34.18
N LEU C 137 5.77 -3.63 33.44
CA LEU C 137 5.26 -2.31 33.08
C LEU C 137 4.71 -2.28 31.65
N ILE C 138 5.15 -3.19 30.79
CA ILE C 138 4.77 -3.24 29.38
C ILE C 138 3.26 -3.35 29.19
N PRO C 139 2.54 -4.20 29.92
CA PRO C 139 1.08 -4.30 29.68
C PRO C 139 0.34 -2.98 29.83
N PHE C 140 0.73 -2.14 30.79
CA PHE C 140 0.09 -0.84 30.93
C PHE C 140 0.24 -0.01 29.65
N LEU C 141 1.45 0.05 29.12
CA LEU C 141 1.66 0.84 27.90
C LEU C 141 0.95 0.23 26.70
N ILE C 142 0.93 -1.10 26.58
CA ILE C 142 0.27 -1.69 25.41
C ILE C 142 -1.23 -1.48 25.48
N THR C 143 -1.80 -1.52 26.69
CA THR C 143 -3.22 -1.22 26.84
C THR C 143 -3.49 0.26 26.54
N LEU C 144 -2.58 1.15 26.95
CA LEU C 144 -2.75 2.57 26.66
C LEU C 144 -2.68 2.85 25.16
N VAL C 145 -1.83 2.13 24.44
CA VAL C 145 -1.75 2.31 22.99
C VAL C 145 -2.98 1.72 22.32
N VAL C 146 -3.49 0.60 22.83
CA VAL C 146 -4.68 -0.01 22.25
C VAL C 146 -5.88 0.91 22.42
N TRP C 147 -6.08 1.42 23.63
CA TRP C 147 -7.25 2.25 23.90
C TRP C 147 -7.06 3.68 23.40
N ARG C 148 -5.93 4.30 23.74
CA ARG C 148 -5.67 5.67 23.31
C ARG C 148 -4.79 5.70 22.07
N LYS D 14 -42.47 16.56 -35.51
CA LYS D 14 -41.68 15.67 -34.67
C LYS D 14 -40.21 16.08 -34.67
N LEU D 15 -39.37 15.27 -35.31
CA LEU D 15 -37.95 15.55 -35.40
C LEU D 15 -37.47 15.78 -36.83
N VAL D 16 -38.28 15.45 -37.84
CA VAL D 16 -37.85 15.64 -39.22
C VAL D 16 -37.73 17.12 -39.57
N GLU D 17 -38.41 18.00 -38.84
CA GLU D 17 -38.25 19.43 -39.08
C GLU D 17 -36.84 19.88 -38.67
N GLN D 18 -36.28 19.26 -37.62
CA GLN D 18 -34.90 19.57 -37.25
C GLN D 18 -33.92 19.13 -38.33
N LEU D 19 -34.15 17.95 -38.90
CA LEU D 19 -33.30 17.50 -40.00
C LEU D 19 -33.46 18.41 -41.22
N LYS D 20 -34.67 18.90 -41.46
CA LYS D 20 -34.88 19.85 -42.55
C LYS D 20 -34.12 21.14 -42.30
N MET D 21 -34.10 21.60 -41.03
CA MET D 21 -33.31 22.77 -40.69
C MET D 21 -31.81 22.49 -40.81
N GLU D 22 -31.42 21.23 -40.72
CA GLU D 22 -30.02 20.84 -40.89
C GLU D 22 -29.69 20.45 -42.33
N ALA D 23 -30.64 20.55 -43.26
CA ALA D 23 -30.41 20.22 -44.64
C ALA D 23 -30.22 21.43 -45.53
N ASN D 24 -30.60 22.63 -45.08
CA ASN D 24 -30.49 23.84 -45.87
C ASN D 24 -29.27 24.67 -45.51
N ILE D 25 -28.27 24.08 -44.86
CA ILE D 25 -27.05 24.77 -44.50
C ILE D 25 -25.98 24.47 -45.54
N ASP D 26 -25.08 25.42 -45.75
CA ASP D 26 -24.05 25.30 -46.77
C ASP D 26 -22.79 24.67 -46.17
N ARG D 27 -22.30 23.62 -46.81
CA ARG D 27 -21.11 22.90 -46.37
C ARG D 27 -19.98 23.20 -47.33
N ILE D 28 -18.91 23.82 -46.83
CA ILE D 28 -17.72 24.02 -47.64
C ILE D 28 -17.02 22.67 -47.79
N LYS D 29 -16.09 22.58 -48.74
CA LYS D 29 -15.40 21.32 -48.97
C LYS D 29 -14.42 21.04 -47.85
N VAL D 30 -14.20 19.74 -47.59
CA VAL D 30 -13.34 19.33 -46.48
C VAL D 30 -11.90 19.78 -46.70
N SER D 31 -11.45 19.85 -47.95
CA SER D 31 -10.10 20.32 -48.23
C SER D 31 -9.90 21.73 -47.71
N LYS D 32 -10.87 22.62 -47.97
CA LYS D 32 -10.76 24.01 -47.53
C LYS D 32 -10.78 24.11 -46.01
N ALA D 33 -11.65 23.34 -45.35
CA ALA D 33 -11.73 23.37 -43.89
C ALA D 33 -10.44 22.88 -43.27
N ALA D 34 -9.89 21.78 -43.79
CA ALA D 34 -8.64 21.25 -43.27
C ALA D 34 -7.50 22.22 -43.50
N ALA D 35 -7.48 22.86 -44.67
CA ALA D 35 -6.44 23.85 -44.95
C ALA D 35 -6.52 25.02 -43.99
N ASP D 36 -7.74 25.47 -43.68
CA ASP D 36 -7.89 26.58 -42.74
C ASP D 36 -7.46 26.18 -41.34
N LEU D 37 -7.83 24.98 -40.90
CA LEU D 37 -7.41 24.50 -39.58
C LEU D 37 -5.89 24.40 -39.50
N MET D 38 -5.25 23.85 -40.53
CA MET D 38 -3.80 23.74 -40.54
C MET D 38 -3.14 25.11 -40.57
N ALA D 39 -3.71 26.05 -41.33
CA ALA D 39 -3.14 27.39 -41.38
C ALA D 39 -3.23 28.09 -40.04
N TYR D 40 -4.35 27.91 -39.32
CA TYR D 40 -4.45 28.48 -37.98
C TYR D 40 -3.43 27.83 -37.04
N CYS D 41 -3.33 26.50 -37.09
CA CYS D 41 -2.40 25.81 -36.21
C CYS D 41 -0.95 26.19 -36.49
N GLU D 42 -0.64 26.54 -37.73
CA GLU D 42 0.70 26.94 -38.10
C GLU D 42 0.99 28.41 -37.82
N ALA D 43 -0.04 29.26 -37.85
CA ALA D 43 0.17 30.68 -37.60
C ALA D 43 0.35 31.00 -36.13
N HIS D 44 -0.15 30.15 -35.23
CA HIS D 44 -0.05 30.37 -33.79
C HIS D 44 0.87 29.35 -33.12
N ALA D 45 1.74 28.69 -33.89
CA ALA D 45 2.57 27.64 -33.33
C ALA D 45 3.71 28.19 -32.48
N LYS D 46 4.11 29.45 -32.72
CA LYS D 46 5.28 29.98 -32.04
C LYS D 46 4.99 30.39 -30.60
N GLU D 47 3.74 30.64 -30.23
CA GLU D 47 3.40 31.02 -28.87
C GLU D 47 2.69 29.90 -28.12
N ASP D 48 3.02 28.65 -28.43
CA ASP D 48 2.51 27.49 -27.70
C ASP D 48 3.64 26.90 -26.87
N PRO D 49 3.70 27.20 -25.57
CA PRO D 49 4.83 26.71 -24.75
C PRO D 49 4.83 25.21 -24.53
N LEU D 50 3.77 24.49 -24.90
CA LEU D 50 3.74 23.05 -24.70
C LEU D 50 4.51 22.30 -25.76
N LEU D 51 4.74 22.89 -26.94
CA LEU D 51 5.51 22.26 -27.99
C LEU D 51 6.77 23.02 -28.35
N THR D 52 6.91 24.28 -27.94
CA THR D 52 8.17 25.03 -28.02
C THR D 52 8.59 25.34 -26.59
N PRO D 53 9.35 24.46 -25.95
CA PRO D 53 9.68 24.65 -24.52
C PRO D 53 10.32 26.00 -24.23
N VAL D 54 9.64 26.79 -23.40
CA VAL D 54 10.10 28.12 -23.01
C VAL D 54 11.24 27.95 -22.02
N PRO D 55 12.24 28.83 -22.02
CA PRO D 55 13.34 28.69 -21.05
C PRO D 55 12.84 28.72 -19.61
N ALA D 56 13.59 28.02 -18.75
CA ALA D 56 13.22 27.90 -17.34
C ALA D 56 13.29 29.22 -16.58
N SER D 57 13.92 30.25 -17.14
CA SER D 57 14.03 31.51 -16.43
C SER D 57 12.72 32.27 -16.38
N GLU D 58 11.77 31.95 -17.26
CA GLU D 58 10.48 32.60 -17.29
C GLU D 58 9.31 31.63 -17.12
N ASN D 59 9.59 30.36 -16.86
CA ASN D 59 8.52 29.38 -16.63
C ASN D 59 8.10 29.44 -15.17
N PRO D 60 6.85 29.79 -14.86
CA PRO D 60 6.45 29.99 -13.46
C PRO D 60 6.32 28.70 -12.67
N PHE D 61 6.53 27.53 -13.27
CA PHE D 61 6.37 26.26 -12.57
C PHE D 61 7.69 25.53 -12.37
N ARG D 62 8.81 26.19 -12.59
CA ARG D 62 10.12 25.59 -12.37
C ARG D 62 11.20 26.65 -12.22
N GLN E 1 -22.86 6.52 -37.12
CA GLN E 1 -24.31 6.38 -37.04
C GLN E 1 -24.71 4.95 -36.74
N VAL E 2 -25.01 4.67 -35.47
CA VAL E 2 -25.46 3.34 -35.07
C VAL E 2 -26.87 3.12 -35.60
N GLN E 3 -27.05 2.12 -36.46
CA GLN E 3 -28.33 1.88 -37.11
C GLN E 3 -29.13 0.79 -36.42
N LEU E 4 -28.58 -0.43 -36.36
CA LEU E 4 -29.24 -1.58 -35.74
C LEU E 4 -30.63 -1.81 -36.33
N GLN E 5 -30.66 -2.13 -37.62
CA GLN E 5 -31.90 -2.33 -38.35
C GLN E 5 -32.27 -3.80 -38.34
N GLU E 6 -33.39 -4.13 -37.70
CA GLU E 6 -33.83 -5.51 -37.60
C GLU E 6 -35.07 -5.75 -38.46
N SER E 7 -35.20 -6.98 -38.93
CA SER E 7 -36.29 -7.37 -39.81
C SER E 7 -36.70 -8.82 -39.54
N GLY E 8 -37.74 -9.28 -40.25
CA GLY E 8 -38.27 -10.61 -40.04
C GLY E 8 -39.38 -10.62 -39.02
N GLY E 9 -40.16 -11.70 -39.05
CA GLY E 9 -41.24 -11.87 -38.10
C GLY E 9 -42.55 -11.25 -38.55
N GLY E 10 -43.62 -12.02 -38.45
CA GLY E 10 -44.94 -11.55 -38.81
C GLY E 10 -46.02 -12.19 -37.96
N LEU E 11 -47.10 -12.64 -38.59
CA LEU E 11 -48.20 -13.31 -37.89
C LEU E 11 -48.13 -14.79 -38.21
N VAL E 12 -47.69 -15.58 -37.23
CA VAL E 12 -47.55 -17.02 -37.38
C VAL E 12 -48.43 -17.71 -36.34
N GLN E 13 -49.03 -18.84 -36.73
CA GLN E 13 -49.89 -19.58 -35.83
C GLN E 13 -49.10 -20.06 -34.61
N PRO E 14 -49.79 -20.32 -33.50
CA PRO E 14 -49.10 -20.83 -32.31
C PRO E 14 -48.36 -22.12 -32.60
N GLY E 15 -47.25 -22.31 -31.89
CA GLY E 15 -46.38 -23.44 -32.15
C GLY E 15 -45.57 -23.34 -33.41
N GLY E 16 -45.61 -22.20 -34.10
CA GLY E 16 -44.88 -22.02 -35.35
C GLY E 16 -43.40 -21.76 -35.12
N SER E 17 -42.80 -21.02 -36.05
CA SER E 17 -41.38 -20.73 -35.98
C SER E 17 -41.07 -19.52 -36.85
N LEU E 18 -40.13 -18.71 -36.39
CA LEU E 18 -39.66 -17.54 -37.12
C LEU E 18 -38.17 -17.38 -36.90
N ARG E 19 -37.58 -16.46 -37.66
CA ARG E 19 -36.16 -16.14 -37.54
C ARG E 19 -36.00 -14.63 -37.69
N LEU E 20 -35.80 -13.95 -36.57
CA LEU E 20 -35.63 -12.50 -36.57
C LEU E 20 -34.18 -12.17 -36.87
N SER E 21 -33.95 -11.35 -37.91
CA SER E 21 -32.62 -10.94 -38.29
C SER E 21 -32.38 -9.50 -37.84
N CYS E 22 -31.11 -9.14 -37.65
CA CYS E 22 -30.73 -7.82 -37.17
C CYS E 22 -29.41 -7.44 -37.83
N ALA E 23 -29.47 -6.62 -38.87
CA ALA E 23 -28.28 -6.12 -39.55
C ALA E 23 -27.86 -4.84 -38.85
N ALA E 24 -26.65 -4.84 -38.31
CA ALA E 24 -26.11 -3.69 -37.59
C ALA E 24 -25.04 -3.02 -38.43
N SER E 25 -25.06 -1.69 -38.47
CA SER E 25 -24.10 -0.92 -39.24
C SER E 25 -23.70 0.32 -38.47
N GLY E 26 -22.49 0.79 -38.71
CA GLY E 26 -21.98 1.97 -38.05
C GLY E 26 -21.03 1.73 -36.91
N PHE E 27 -20.62 0.48 -36.68
CA PHE E 27 -19.68 0.17 -35.61
C PHE E 27 -19.13 -1.23 -35.85
N THR E 28 -18.11 -1.58 -35.07
CA THR E 28 -17.49 -2.90 -35.17
C THR E 28 -18.36 -3.91 -34.43
N PHE E 29 -19.04 -4.76 -35.20
CA PHE E 29 -19.99 -5.70 -34.62
C PHE E 29 -19.33 -6.70 -33.68
N SER E 30 -18.03 -6.94 -33.83
CA SER E 30 -17.37 -7.99 -33.08
C SER E 30 -16.92 -7.55 -31.68
N ASN E 31 -16.89 -6.26 -31.41
CA ASN E 31 -16.40 -5.77 -30.13
C ASN E 31 -17.49 -5.63 -29.09
N TYR E 32 -18.76 -5.70 -29.47
CA TYR E 32 -19.87 -5.42 -28.57
C TYR E 32 -20.66 -6.68 -28.30
N LYS E 33 -21.16 -6.79 -27.07
CA LYS E 33 -22.10 -7.84 -26.70
C LYS E 33 -23.51 -7.43 -27.09
N MET E 34 -24.24 -8.33 -27.73
CA MET E 34 -25.55 -8.00 -28.27
C MET E 34 -26.65 -8.63 -27.43
N ASN E 35 -27.84 -8.05 -27.53
CA ASN E 35 -28.99 -8.50 -26.76
C ASN E 35 -30.24 -8.49 -27.64
N TRP E 36 -31.19 -9.35 -27.28
CA TRP E 36 -32.55 -9.30 -27.78
C TRP E 36 -33.45 -8.94 -26.61
N VAL E 37 -34.21 -7.85 -26.76
CA VAL E 37 -35.20 -7.45 -25.77
C VAL E 37 -36.55 -7.40 -26.45
N ARG E 38 -37.61 -7.37 -25.67
CA ARG E 38 -38.95 -7.31 -26.24
C ARG E 38 -39.86 -6.49 -25.34
N GLN E 39 -40.89 -5.92 -25.96
CA GLN E 39 -41.89 -5.10 -25.29
C GLN E 39 -43.26 -5.69 -25.61
N ALA E 40 -43.92 -6.24 -24.60
CA ALA E 40 -45.24 -6.81 -24.79
C ALA E 40 -46.28 -5.71 -24.92
N PRO E 41 -47.43 -6.01 -25.52
CA PRO E 41 -48.50 -5.00 -25.62
C PRO E 41 -48.97 -4.56 -24.24
N GLY E 42 -48.75 -3.29 -23.95
CA GLY E 42 -49.16 -2.74 -22.67
C GLY E 42 -48.28 -3.12 -21.50
N LYS E 43 -47.01 -3.41 -21.74
CA LYS E 43 -46.09 -3.78 -20.69
C LYS E 43 -44.75 -3.09 -20.93
N GLY E 44 -43.92 -3.07 -19.88
CA GLY E 44 -42.60 -2.49 -19.99
C GLY E 44 -41.64 -3.41 -20.72
N LEU E 45 -40.50 -2.83 -21.10
CA LEU E 45 -39.47 -3.61 -21.78
C LEU E 45 -38.94 -4.70 -20.89
N GLU E 46 -38.49 -5.79 -21.50
CA GLU E 46 -37.93 -6.91 -20.77
C GLU E 46 -36.81 -7.54 -21.59
N TRP E 47 -35.84 -8.10 -20.89
CA TRP E 47 -34.68 -8.71 -21.53
C TRP E 47 -35.01 -10.14 -21.91
N VAL E 48 -34.56 -10.55 -23.10
CA VAL E 48 -34.88 -11.89 -23.61
C VAL E 48 -33.61 -12.72 -23.69
N SER E 49 -32.63 -12.27 -24.48
CA SER E 49 -31.45 -13.09 -24.71
C SER E 49 -30.23 -12.21 -24.87
N ASP E 50 -29.05 -12.82 -24.74
CA ASP E 50 -27.81 -12.09 -24.98
C ASP E 50 -26.78 -13.01 -25.61
N ILE E 51 -25.77 -12.41 -26.22
CA ILE E 51 -24.66 -13.14 -26.81
C ILE E 51 -23.41 -12.28 -26.74
N SER E 52 -22.28 -12.91 -26.42
CA SER E 52 -21.04 -12.20 -26.19
C SER E 52 -20.40 -11.79 -27.52
N GLN E 53 -19.17 -11.30 -27.42
CA GLN E 53 -18.45 -10.85 -28.62
C GLN E 53 -18.15 -12.01 -29.56
N SER E 54 -17.44 -13.02 -29.07
CA SER E 54 -17.12 -14.17 -29.91
C SER E 54 -18.35 -15.04 -30.16
N GLY E 55 -19.18 -15.22 -29.14
CA GLY E 55 -20.36 -16.05 -29.25
C GLY E 55 -20.35 -17.29 -28.38
N ALA E 56 -19.40 -17.41 -27.45
CA ALA E 56 -19.36 -18.59 -26.58
C ALA E 56 -20.43 -18.52 -25.50
N SER E 57 -20.36 -17.50 -24.64
CA SER E 57 -21.31 -17.36 -23.56
C SER E 57 -22.66 -16.90 -24.10
N ILE E 58 -23.71 -17.63 -23.77
CA ILE E 58 -25.06 -17.36 -24.24
C ILE E 58 -26.01 -17.52 -23.06
N SER E 59 -26.91 -16.57 -22.87
CA SER E 59 -27.90 -16.65 -21.81
C SER E 59 -29.25 -16.19 -22.33
N TYR E 60 -30.31 -16.80 -21.78
CA TYR E 60 -31.69 -16.48 -22.10
C TYR E 60 -32.45 -16.21 -20.83
N THR E 61 -33.59 -15.55 -20.96
CA THR E 61 -34.54 -15.52 -19.87
C THR E 61 -35.22 -16.88 -19.75
N GLY E 62 -35.76 -17.15 -18.56
CA GLY E 62 -36.28 -18.48 -18.29
C GLY E 62 -37.38 -18.93 -19.22
N SER E 63 -38.24 -17.99 -19.65
CA SER E 63 -39.42 -18.38 -20.41
C SER E 63 -39.06 -18.90 -21.80
N VAL E 64 -37.99 -18.40 -22.40
CA VAL E 64 -37.61 -18.80 -23.75
C VAL E 64 -36.44 -19.77 -23.75
N LYS E 65 -36.01 -20.25 -22.59
CA LYS E 65 -34.89 -21.18 -22.53
C LYS E 65 -35.30 -22.52 -23.12
N GLY E 66 -34.50 -22.99 -24.08
CA GLY E 66 -34.80 -24.22 -24.78
C GLY E 66 -35.61 -24.04 -26.05
N ARG E 67 -36.29 -22.92 -26.21
CA ARG E 67 -37.09 -22.63 -27.40
C ARG E 67 -36.39 -21.69 -28.37
N PHE E 68 -35.86 -20.57 -27.87
CA PHE E 68 -35.21 -19.58 -28.71
C PHE E 68 -33.71 -19.83 -28.72
N THR E 69 -33.08 -19.51 -29.86
CA THR E 69 -31.63 -19.62 -30.00
C THR E 69 -31.10 -18.34 -30.63
N ILE E 70 -30.14 -17.72 -29.98
CA ILE E 70 -29.49 -16.53 -30.50
C ILE E 70 -28.18 -16.94 -31.15
N SER E 71 -27.83 -16.24 -32.23
CA SER E 71 -26.61 -16.54 -32.96
C SER E 71 -26.13 -15.31 -33.69
N ARG E 72 -24.87 -14.95 -33.52
CA ARG E 72 -24.30 -13.80 -34.20
C ARG E 72 -23.37 -14.26 -35.30
N ASP E 73 -23.27 -13.44 -36.34
CA ASP E 73 -22.39 -13.68 -37.48
C ASP E 73 -21.59 -12.40 -37.67
N ASN E 74 -20.32 -12.43 -37.24
CA ASN E 74 -19.48 -11.24 -37.28
C ASN E 74 -19.04 -10.91 -38.69
N ALA E 75 -18.92 -11.91 -39.57
CA ALA E 75 -18.53 -11.64 -40.95
C ALA E 75 -19.58 -10.81 -41.67
N LYS E 76 -20.86 -11.13 -41.46
CA LYS E 76 -21.96 -10.37 -42.04
C LYS E 76 -22.51 -9.33 -41.09
N ASN E 77 -22.00 -9.27 -39.85
CA ASN E 77 -22.46 -8.33 -38.83
C ASN E 77 -23.97 -8.42 -38.65
N THR E 78 -24.43 -9.59 -38.23
CA THR E 78 -25.87 -9.83 -38.14
C THR E 78 -26.20 -10.69 -36.94
N LEU E 79 -27.22 -10.29 -36.21
CA LEU E 79 -27.75 -11.06 -35.10
C LEU E 79 -28.97 -11.83 -35.56
N TYR E 80 -29.16 -13.03 -35.03
CA TYR E 80 -30.29 -13.88 -35.38
C TYR E 80 -30.93 -14.42 -34.10
N LEU E 81 -32.26 -14.36 -34.06
CA LEU E 81 -33.04 -15.03 -33.02
C LEU E 81 -33.94 -16.03 -33.75
N GLN E 82 -33.55 -17.30 -33.70
CA GLN E 82 -34.36 -18.38 -34.23
C GLN E 82 -35.34 -18.83 -33.15
N MET E 83 -36.63 -18.61 -33.37
CA MET E 83 -37.66 -18.94 -32.41
C MET E 83 -38.52 -20.06 -32.99
N ASN E 84 -38.83 -21.05 -32.16
CA ASN E 84 -39.71 -22.13 -32.56
C ASN E 84 -40.56 -22.53 -31.36
N SER E 85 -41.65 -23.25 -31.63
CA SER E 85 -42.65 -23.59 -30.62
C SER E 85 -43.17 -22.33 -29.94
N LEU E 86 -43.58 -21.36 -30.76
CA LEU E 86 -44.03 -20.08 -30.24
C LEU E 86 -45.34 -20.24 -29.46
N LYS E 87 -45.46 -19.49 -28.38
CA LYS E 87 -46.63 -19.50 -27.51
C LYS E 87 -47.41 -18.20 -27.67
N PRO E 88 -48.68 -18.18 -27.27
CA PRO E 88 -49.46 -16.94 -27.38
C PRO E 88 -48.97 -15.82 -26.48
N GLU E 89 -47.99 -16.07 -25.60
CA GLU E 89 -47.43 -15.05 -24.74
C GLU E 89 -46.15 -14.45 -25.31
N ASP E 90 -45.87 -14.68 -26.58
CA ASP E 90 -44.66 -14.17 -27.22
C ASP E 90 -44.93 -13.01 -28.17
N THR E 91 -46.20 -12.67 -28.41
CA THR E 91 -46.52 -11.53 -29.27
C THR E 91 -46.03 -10.25 -28.61
N ALA E 92 -45.12 -9.55 -29.29
CA ALA E 92 -44.49 -8.36 -28.73
C ALA E 92 -43.68 -7.68 -29.84
N VAL E 93 -43.16 -6.51 -29.54
CA VAL E 93 -42.20 -5.83 -30.40
C VAL E 93 -40.80 -6.23 -29.97
N TYR E 94 -40.02 -6.76 -30.90
CA TYR E 94 -38.70 -7.29 -30.60
C TYR E 94 -37.64 -6.28 -31.04
N TYR E 95 -36.81 -5.84 -30.10
CA TYR E 95 -35.74 -4.90 -30.34
C TYR E 95 -34.39 -5.60 -30.25
N CYS E 96 -33.51 -5.25 -31.18
CA CYS E 96 -32.13 -5.75 -31.22
C CYS E 96 -31.24 -4.72 -30.55
N ALA E 97 -30.86 -4.96 -29.30
CA ALA E 97 -30.15 -3.99 -28.51
C ALA E 97 -28.66 -4.28 -28.47
N ARG E 98 -27.89 -3.25 -28.17
CA ARG E 98 -26.43 -3.33 -28.12
C ARG E 98 -25.95 -2.80 -26.78
N CYS E 99 -24.85 -3.37 -26.30
CA CYS E 99 -24.24 -2.84 -25.10
C CYS E 99 -23.60 -1.49 -25.39
N PRO E 100 -23.57 -0.59 -24.39
CA PRO E 100 -23.07 0.76 -24.67
C PRO E 100 -21.58 0.83 -24.92
N ALA E 101 -20.79 -0.05 -24.31
CA ALA E 101 -19.35 0.03 -24.43
C ALA E 101 -18.76 -1.27 -24.95
N PRO E 102 -17.67 -1.20 -25.72
CA PRO E 102 -17.04 -2.42 -26.22
C PRO E 102 -16.05 -3.02 -25.22
N PHE E 103 -15.81 -4.31 -25.38
CA PHE E 103 -14.86 -5.06 -24.55
C PHE E 103 -15.26 -5.06 -23.09
N THR E 104 -16.57 -5.09 -22.83
CA THR E 104 -17.09 -5.12 -21.47
C THR E 104 -17.98 -6.33 -21.28
N ARG E 105 -17.95 -6.87 -20.06
CA ARG E 105 -18.81 -8.00 -19.70
C ARG E 105 -20.14 -7.56 -19.11
N ASP E 106 -20.20 -6.35 -18.57
CA ASP E 106 -21.45 -5.78 -18.08
C ASP E 106 -22.17 -5.05 -19.20
N CYS E 107 -23.49 -4.94 -19.06
CA CYS E 107 -24.32 -4.29 -20.07
C CYS E 107 -25.40 -3.47 -19.37
N PHE E 108 -25.15 -2.19 -19.20
CA PHE E 108 -26.05 -1.28 -18.52
C PHE E 108 -27.05 -0.66 -19.49
N ASP E 109 -28.15 -0.18 -18.94
CA ASP E 109 -29.13 0.69 -19.58
C ASP E 109 -29.92 0.02 -20.70
N VAL E 110 -29.61 -1.22 -21.06
CA VAL E 110 -30.52 -1.97 -21.90
C VAL E 110 -31.80 -2.25 -21.10
N THR E 111 -32.91 -2.41 -21.81
CA THR E 111 -34.26 -2.59 -21.29
C THR E 111 -34.80 -1.26 -20.77
N SER E 112 -33.99 -0.21 -20.66
CA SER E 112 -34.47 1.08 -20.24
C SER E 112 -35.12 1.81 -21.41
N THR E 113 -36.10 2.65 -21.09
CA THR E 113 -36.75 3.43 -22.13
C THR E 113 -35.85 4.59 -22.56
N THR E 114 -36.09 5.06 -23.79
CA THR E 114 -35.30 6.14 -24.38
C THR E 114 -33.81 5.82 -24.35
N TYR E 115 -33.48 4.58 -24.67
CA TYR E 115 -32.10 4.11 -24.69
C TYR E 115 -31.61 4.04 -26.12
N ALA E 116 -30.51 4.73 -26.42
CA ALA E 116 -29.94 4.69 -27.76
C ALA E 116 -29.29 3.33 -28.01
N TYR E 117 -28.74 3.17 -29.22
CA TYR E 117 -28.15 1.91 -29.64
C TYR E 117 -29.16 0.77 -29.54
N ARG E 118 -30.36 1.02 -30.06
CA ARG E 118 -31.41 0.03 -30.07
C ARG E 118 -32.23 0.20 -31.35
N GLY E 119 -32.60 -0.93 -31.95
CA GLY E 119 -33.37 -0.88 -33.17
C GLY E 119 -34.80 -0.43 -32.94
N GLN E 120 -35.52 -0.28 -34.06
CA GLN E 120 -36.92 0.11 -33.98
C GLN E 120 -37.82 -1.05 -33.59
N GLY E 121 -37.41 -2.27 -33.90
CA GLY E 121 -38.16 -3.43 -33.46
C GLY E 121 -39.06 -3.98 -34.56
N THR E 122 -39.37 -5.26 -34.45
CA THR E 122 -40.29 -5.94 -35.36
C THR E 122 -41.46 -6.48 -34.56
N GLN E 123 -42.67 -6.30 -35.07
CA GLN E 123 -43.86 -6.79 -34.39
C GLN E 123 -44.05 -8.27 -34.68
N VAL E 124 -43.80 -9.12 -33.70
CA VAL E 124 -43.98 -10.56 -33.83
C VAL E 124 -45.25 -10.92 -33.08
N THR E 125 -46.31 -11.20 -33.83
CA THR E 125 -47.61 -11.55 -33.26
C THR E 125 -47.96 -12.98 -33.63
N VAL E 126 -48.62 -13.67 -32.71
CA VAL E 126 -49.03 -15.05 -32.94
C VAL E 126 -50.51 -15.22 -32.65
N PHE F 14 26.22 -19.64 33.37
CA PHE F 14 24.87 -19.72 32.84
C PHE F 14 24.73 -18.83 31.61
N GLY F 15 24.67 -17.51 31.84
CA GLY F 15 24.59 -16.57 30.73
C GLY F 15 23.19 -16.42 30.17
N CYS F 16 23.06 -16.50 28.86
CA CYS F 16 21.76 -16.47 28.19
C CYS F 16 21.42 -17.82 27.58
N ARG F 17 20.14 -18.04 27.39
CA ARG F 17 19.62 -19.17 26.62
C ARG F 17 18.68 -18.75 25.50
N PHE F 18 18.25 -17.50 25.45
CA PHE F 18 17.37 -17.02 24.41
C PHE F 18 18.11 -16.85 23.09
N GLY F 19 17.34 -16.75 22.01
CA GLY F 19 17.94 -16.57 20.69
C GLY F 19 18.38 -15.16 20.40
N THR F 20 18.06 -14.21 21.28
CA THR F 20 18.40 -12.81 21.05
C THR F 20 19.72 -12.40 21.71
N CYS F 21 20.20 -13.14 22.70
CA CYS F 21 21.51 -12.87 23.29
C CYS F 21 22.66 -13.31 22.40
N THR F 22 22.38 -14.01 21.30
CA THR F 22 23.45 -14.57 20.47
C THR F 22 24.28 -13.51 19.76
N VAL F 23 23.94 -12.23 19.90
CA VAL F 23 24.77 -11.17 19.32
C VAL F 23 25.69 -10.63 20.40
N GLN F 24 25.29 -10.79 21.66
CA GLN F 24 26.17 -10.41 22.77
C GLN F 24 27.25 -11.44 22.99
N LYS F 25 26.87 -12.70 23.24
CA LYS F 25 27.84 -13.77 23.45
C LYS F 25 28.81 -13.86 22.28
N LEU F 26 28.32 -13.74 21.05
CA LEU F 26 29.20 -13.71 19.89
C LEU F 26 30.30 -12.67 20.08
N ALA F 27 29.90 -11.43 20.42
CA ALA F 27 30.90 -10.42 20.75
C ALA F 27 31.78 -10.88 21.89
N HIS F 28 31.17 -11.39 22.97
CA HIS F 28 31.93 -11.91 24.09
C HIS F 28 32.84 -13.06 23.66
N GLN F 29 32.50 -13.74 22.57
CA GLN F 29 33.33 -14.81 22.05
C GLN F 29 34.35 -14.32 21.04
N ILE F 30 34.15 -13.14 20.45
CA ILE F 30 35.00 -12.72 19.34
C ILE F 30 36.23 -11.93 19.80
N TYR F 31 36.22 -11.39 21.01
CA TYR F 31 37.39 -10.62 21.46
C TYR F 31 38.36 -11.48 22.23
N GLN F 32 37.88 -12.50 22.94
CA GLN F 32 38.78 -13.37 23.69
C GLN F 32 39.38 -14.45 22.79
N PHE F 33 38.73 -14.74 21.66
CA PHE F 33 39.34 -15.63 20.68
C PHE F 33 40.53 -14.97 20.00
N THR F 34 40.37 -13.72 19.57
CA THR F 34 41.44 -12.99 18.89
C THR F 34 42.26 -12.26 19.94
N ASP F 35 43.36 -12.89 20.37
CA ASP F 35 44.27 -12.31 21.34
C ASP F 35 45.68 -12.35 20.78
N LYS F 36 46.33 -11.18 20.74
CA LYS F 36 47.66 -11.10 20.15
C LYS F 36 48.68 -11.85 20.99
N ASP F 37 48.52 -11.85 22.30
CA ASP F 37 49.47 -12.50 23.19
C ASP F 37 49.16 -13.97 23.43
N LYS F 38 48.02 -14.46 22.96
CA LYS F 38 47.65 -15.86 23.18
C LYS F 38 48.59 -16.77 22.39
N ASP F 39 49.10 -17.79 23.06
CA ASP F 39 50.01 -18.77 22.46
C ASP F 39 49.37 -20.14 22.51
N ASN F 40 49.10 -20.72 21.33
CA ASN F 40 48.47 -22.03 21.28
C ASN F 40 49.42 -23.13 21.74
N VAL F 41 50.73 -22.90 21.61
CA VAL F 41 51.71 -23.90 22.01
C VAL F 41 51.69 -24.07 23.52
N ALA F 42 51.64 -25.32 23.97
CA ALA F 42 51.63 -25.63 25.39
C ALA F 42 52.60 -26.78 25.64
N PRO F 43 53.31 -26.79 26.78
CA PRO F 43 54.25 -27.88 27.06
C PRO F 43 53.50 -29.19 27.30
N ARG F 44 53.97 -30.25 26.63
CA ARG F 44 53.33 -31.55 26.78
C ARG F 44 53.50 -32.13 28.17
N SER F 45 54.53 -31.71 28.91
CA SER F 45 54.71 -32.20 30.27
C SER F 45 53.64 -31.64 31.20
N LYS F 46 53.40 -30.33 31.14
CA LYS F 46 52.37 -29.73 31.97
C LYS F 46 50.96 -29.98 31.46
N ILE F 47 50.81 -30.29 30.16
CA ILE F 47 49.49 -30.60 29.62
C ILE F 47 48.97 -31.91 30.19
N SER F 48 49.81 -32.94 30.18
CA SER F 48 49.43 -34.23 30.73
C SER F 48 49.43 -34.16 32.26
N PRO F 49 49.06 -35.25 32.93
CA PRO F 49 49.03 -35.23 34.40
C PRO F 49 50.42 -35.34 35.01
N GLN F 50 51.46 -35.31 34.18
CA GLN F 50 52.83 -35.36 34.64
C GLN F 50 53.46 -33.98 34.76
N GLY F 51 52.66 -32.95 35.03
CA GLY F 51 53.17 -31.59 35.15
C GLY F 51 52.28 -30.70 35.99
N TYR F 52 52.10 -29.46 35.55
CA TYR F 52 51.27 -28.50 36.27
C TYR F 52 49.79 -28.88 36.19
N GLY G 45 53.49 -12.10 24.50
CA GLY G 45 54.16 -11.19 25.40
C GLY G 45 53.33 -10.82 26.61
N VAL G 46 52.09 -10.38 26.36
CA VAL G 46 51.21 -10.00 27.47
C VAL G 46 50.70 -11.24 28.20
N THR G 47 50.81 -12.42 27.59
CA THR G 47 50.38 -13.64 28.25
C THR G 47 51.27 -13.97 29.44
N ARG G 48 52.58 -13.78 29.29
CA ARG G 48 53.50 -14.00 30.40
C ARG G 48 53.24 -13.00 31.52
N ASN G 49 52.98 -11.74 31.17
CA ASN G 49 52.65 -10.75 32.19
C ASN G 49 51.35 -11.10 32.91
N LYS G 50 50.35 -11.59 32.18
CA LYS G 50 49.10 -12.01 32.79
C LYS G 50 49.29 -13.21 33.71
N ILE G 51 50.14 -14.16 33.32
CA ILE G 51 50.43 -15.30 34.18
C ILE G 51 51.18 -14.86 35.44
N MET G 52 52.12 -13.92 35.31
CA MET G 52 52.80 -13.40 36.49
C MET G 52 51.83 -12.66 37.40
N THR G 53 50.91 -11.89 36.82
CA THR G 53 49.90 -11.22 37.63
C THR G 53 48.98 -12.22 38.32
N ALA G 54 48.68 -13.34 37.64
CA ALA G 54 47.86 -14.37 38.27
C ALA G 54 48.60 -15.03 39.43
N GLN G 55 49.90 -15.27 39.26
CA GLN G 55 50.68 -15.82 40.37
C GLN G 55 50.75 -14.85 41.54
N TYR G 56 50.91 -13.56 41.25
CA TYR G 56 50.90 -12.55 42.31
C TYR G 56 49.53 -12.50 42.99
N GLU G 57 48.45 -12.72 42.22
CA GLU G 57 47.12 -12.75 42.80
C GLU G 57 46.93 -13.97 43.70
N CYS G 58 47.46 -15.13 43.30
CA CYS G 58 47.44 -16.29 44.18
C CYS G 58 48.19 -16.01 45.47
N TYR G 59 49.37 -15.40 45.37
CA TYR G 59 50.15 -15.08 46.56
C TYR G 59 49.41 -14.09 47.47
N GLN G 60 48.81 -13.05 46.89
CA GLN G 60 48.06 -12.07 47.67
C GLN G 60 46.81 -12.67 48.30
N LYS G 61 46.13 -13.58 47.61
CA LYS G 61 44.97 -14.23 48.21
C LYS G 61 45.37 -15.16 49.33
N ILE G 62 46.53 -15.82 49.20
CA ILE G 62 47.01 -16.71 50.25
C ILE G 62 47.42 -15.88 51.47
N MET G 63 48.04 -14.73 51.25
CA MET G 63 48.56 -13.94 52.37
C MET G 63 47.46 -13.12 53.03
N GLN G 64 46.47 -12.67 52.26
CA GLN G 64 45.45 -11.76 52.77
C GLN G 64 44.56 -12.40 53.81
N ASP G 65 43.85 -13.46 53.44
CA ASP G 65 42.88 -14.11 54.32
C ASP G 65 43.24 -15.58 54.48
N PRO G 66 44.09 -15.92 55.46
CA PRO G 66 44.40 -17.33 55.69
C PRO G 66 43.43 -17.97 56.67
N ILE G 67 42.35 -17.27 56.98
CA ILE G 67 41.34 -17.76 57.91
C ILE G 67 40.45 -18.76 57.20
N GLN G 68 40.70 -20.05 57.41
CA GLN G 68 39.91 -21.13 56.81
C GLN G 68 39.02 -21.72 57.90
N GLN G 69 37.72 -21.38 57.83
CA GLN G 69 36.77 -21.89 58.81
C GLN G 69 36.64 -23.42 58.71
N ALA G 70 36.79 -23.97 57.51
CA ALA G 70 36.75 -25.42 57.30
C ALA G 70 38.18 -25.89 57.12
N GLU G 71 38.83 -26.22 58.24
CA GLU G 71 40.23 -26.64 58.21
C GLU G 71 40.36 -28.13 58.49
N GLY G 72 39.41 -28.93 58.01
CA GLY G 72 39.47 -30.36 58.20
C GLY G 72 40.44 -31.05 57.26
N VAL G 73 40.12 -32.26 56.83
CA VAL G 73 40.97 -32.99 55.90
C VAL G 73 40.69 -32.48 54.49
N TYR G 74 41.44 -31.48 54.05
CA TYR G 74 41.25 -30.91 52.72
C TYR G 74 42.58 -30.43 52.14
N CYS G 75 42.56 -30.00 50.89
CA CYS G 75 43.73 -29.45 50.22
C CYS G 75 43.80 -27.95 50.42
N ASN G 76 45.02 -27.47 50.66
CA ASN G 76 45.25 -26.08 51.02
C ASN G 76 45.33 -25.19 49.78
N ARG G 77 45.23 -23.88 50.01
CA ARG G 77 45.32 -22.90 48.93
C ARG G 77 46.72 -22.90 48.33
N THR G 78 46.81 -23.07 47.01
CA THR G 78 48.08 -23.08 46.32
C THR G 78 47.87 -22.60 44.89
N TRP G 79 48.92 -22.75 44.06
CA TRP G 79 48.86 -22.38 42.66
C TRP G 79 49.50 -23.49 41.85
N ASP G 80 48.68 -24.19 41.05
CA ASP G 80 49.21 -25.29 40.24
C ASP G 80 50.16 -24.83 39.16
N GLY G 81 50.09 -23.56 38.75
CA GLY G 81 50.98 -23.04 37.73
C GLY G 81 50.27 -22.17 36.73
N TRP G 82 48.94 -22.33 36.65
CA TRP G 82 48.14 -21.55 35.72
C TRP G 82 46.91 -20.91 36.35
N LEU G 83 46.52 -21.33 37.56
CA LEU G 83 45.34 -20.79 38.24
C LEU G 83 45.53 -20.88 39.74
N CYS G 84 44.85 -20.00 40.47
CA CYS G 84 44.90 -19.99 41.93
C CYS G 84 43.99 -21.10 42.44
N TRP G 85 44.58 -22.14 43.01
CA TRP G 85 43.84 -23.26 43.58
C TRP G 85 43.70 -23.02 45.08
N ASN G 86 42.56 -22.46 45.48
CA ASN G 86 42.32 -22.11 46.87
C ASN G 86 41.97 -23.36 47.67
N ASP G 87 41.56 -23.16 48.93
CA ASP G 87 41.19 -24.27 49.79
C ASP G 87 39.93 -24.96 49.31
N VAL G 88 40.06 -26.20 48.84
CA VAL G 88 38.93 -26.98 48.33
C VAL G 88 38.83 -28.26 49.13
N ALA G 89 37.66 -28.88 49.09
CA ALA G 89 37.43 -30.13 49.79
C ALA G 89 38.25 -31.26 49.17
N ALA G 90 38.80 -32.12 50.01
CA ALA G 90 39.62 -33.22 49.54
C ALA G 90 38.74 -34.32 48.94
N GLY G 91 39.36 -35.15 48.10
CA GLY G 91 38.64 -36.21 47.45
C GLY G 91 37.65 -35.77 46.39
N THR G 92 37.67 -34.50 46.01
CA THR G 92 36.76 -33.96 45.01
C THR G 92 37.58 -33.27 43.92
N GLU G 93 37.21 -33.52 42.67
CA GLU G 93 37.90 -32.92 41.54
C GLU G 93 37.50 -31.47 41.36
N SER G 94 38.27 -30.55 41.93
CA SER G 94 38.00 -29.12 41.79
C SER G 94 38.20 -28.69 40.35
N MET G 95 37.10 -28.41 39.66
CA MET G 95 37.13 -28.04 38.25
C MET G 95 36.65 -26.61 38.08
N GLN G 96 37.41 -25.83 37.32
CA GLN G 96 37.09 -24.44 37.03
C GLN G 96 37.29 -24.18 35.55
N LEU G 97 36.79 -23.02 35.10
CA LEU G 97 36.88 -22.61 33.67
C LEU G 97 38.34 -22.35 33.29
N CYS G 98 38.80 -22.88 32.15
CA CYS G 98 40.20 -22.69 31.70
C CYS G 98 40.45 -21.20 31.40
N PRO G 99 41.65 -20.66 31.75
CA PRO G 99 41.89 -19.22 31.56
C PRO G 99 42.10 -18.83 30.09
N ASP G 100 42.00 -17.52 29.81
CA ASP G 100 42.16 -16.98 28.46
C ASP G 100 43.58 -16.53 28.20
N TYR G 101 44.57 -17.22 28.79
CA TYR G 101 45.96 -16.83 28.60
C TYR G 101 46.54 -17.39 27.31
N PHE G 102 46.08 -18.56 26.89
CA PHE G 102 46.59 -19.24 25.71
C PHE G 102 45.58 -19.14 24.57
N GLN G 103 46.02 -19.55 23.38
CA GLN G 103 45.16 -19.55 22.17
C GLN G 103 44.46 -20.91 22.09
N ASP G 104 45.22 -21.99 22.23
CA ASP G 104 44.63 -23.36 22.21
C ASP G 104 43.65 -23.49 23.38
N PHE G 105 44.03 -22.96 24.55
CA PHE G 105 43.15 -23.03 25.75
C PHE G 105 41.87 -22.24 25.45
N ASP G 106 40.72 -22.80 25.83
CA ASP G 106 39.42 -22.13 25.56
C ASP G 106 38.78 -21.70 26.88
N PRO G 107 38.31 -20.44 27.02
CA PRO G 107 37.76 -19.98 28.30
C PRO G 107 36.51 -20.79 28.67
N SER G 108 35.67 -21.12 27.69
CA SER G 108 34.43 -21.90 27.96
C SER G 108 34.80 -23.27 28.52
N GLU G 109 35.84 -23.90 27.96
CA GLU G 109 36.27 -25.25 28.42
C GLU G 109 36.75 -25.17 29.88
N LYS G 110 36.51 -26.23 30.67
CA LYS G 110 36.88 -26.20 32.11
C LYS G 110 37.94 -27.27 32.39
N VAL G 111 39.05 -26.88 33.02
CA VAL G 111 40.13 -27.85 33.37
C VAL G 111 39.68 -28.71 34.58
N THR G 112 40.25 -29.91 34.73
CA THR G 112 39.89 -30.80 35.86
C THR G 112 41.11 -30.98 36.77
N LYS G 113 40.94 -30.75 38.07
CA LYS G 113 42.04 -30.85 39.02
C LYS G 113 41.53 -31.42 40.34
N ILE G 114 42.07 -32.58 40.73
CA ILE G 114 41.63 -33.26 41.95
C ILE G 114 42.74 -33.16 42.99
N CYS G 115 42.35 -32.95 44.25
CA CYS G 115 43.27 -32.97 45.39
C CYS G 115 42.84 -34.14 46.27
N ASP G 116 43.75 -35.08 46.48
CA ASP G 116 43.44 -36.34 47.14
C ASP G 116 43.03 -36.11 48.61
N GLN G 117 42.40 -37.13 49.18
CA GLN G 117 41.91 -37.07 50.55
C GLN G 117 43.01 -37.14 51.59
N ASP G 118 44.27 -37.22 51.18
CA ASP G 118 45.39 -37.23 52.10
C ASP G 118 45.88 -35.83 52.46
N GLY G 119 45.04 -34.82 52.32
CA GLY G 119 45.43 -33.46 52.65
C GLY G 119 46.33 -32.79 51.63
N ASN G 120 46.44 -33.36 50.43
CA ASN G 120 47.30 -32.81 49.40
C ASN G 120 46.67 -33.06 48.04
N TRP G 121 47.36 -32.60 46.99
CA TRP G 121 46.87 -32.77 45.63
C TRP G 121 47.01 -34.22 45.20
N PHE G 122 46.08 -34.67 44.35
CA PHE G 122 46.12 -36.03 43.84
C PHE G 122 47.34 -36.22 42.94
N ARG G 123 48.15 -37.22 43.25
CA ARG G 123 49.38 -37.48 42.53
C ARG G 123 49.14 -38.50 41.43
N HIS G 124 49.47 -38.14 40.20
CA HIS G 124 49.33 -39.07 39.08
C HIS G 124 50.37 -40.18 39.22
N PRO G 125 49.98 -41.45 39.10
CA PRO G 125 50.90 -42.57 39.28
C PRO G 125 51.77 -42.84 38.05
N ALA G 126 52.31 -41.77 37.45
CA ALA G 126 53.23 -41.91 36.33
C ALA G 126 54.50 -41.11 36.58
N SER G 127 54.38 -39.99 37.31
CA SER G 127 55.52 -39.16 37.63
C SER G 127 55.46 -38.58 39.03
N ASN G 128 54.53 -39.06 39.88
CA ASN G 128 54.35 -38.53 41.24
C ASN G 128 54.08 -37.02 41.22
N ARG G 129 53.39 -36.56 40.18
CA ARG G 129 53.05 -35.16 40.02
C ARG G 129 51.55 -34.96 40.19
N THR G 130 51.16 -33.72 40.46
CA THR G 130 49.75 -33.39 40.66
C THR G 130 48.95 -33.69 39.39
N TRP G 131 48.00 -34.61 39.51
CA TRP G 131 47.17 -35.00 38.38
C TRP G 131 46.27 -33.84 37.98
N THR G 132 46.52 -33.27 36.80
CA THR G 132 45.72 -32.15 36.30
C THR G 132 45.69 -32.25 34.79
N ASN G 133 44.53 -32.62 34.24
CA ASN G 133 44.33 -32.71 32.77
C ASN G 133 43.78 -31.37 32.23
N TYR G 134 44.62 -30.61 31.51
CA TYR G 134 44.18 -29.30 30.92
C TYR G 134 43.94 -29.46 29.42
N THR G 135 43.94 -30.70 28.91
CA THR G 135 43.78 -30.95 27.45
C THR G 135 42.43 -30.45 26.93
N GLN G 136 41.39 -30.47 27.78
CA GLN G 136 40.02 -30.11 27.33
C GLN G 136 40.02 -28.66 26.81
N CYS G 137 40.70 -27.74 27.50
CA CYS G 137 40.70 -26.33 27.05
C CYS G 137 41.24 -26.25 25.61
N ASN G 138 42.43 -26.81 25.38
CA ASN G 138 43.07 -26.71 24.04
C ASN G 138 42.20 -27.36 22.97
N VAL G 139 41.65 -28.54 23.26
CA VAL G 139 40.81 -29.26 22.26
C VAL G 139 39.55 -28.43 21.98
N ASN G 140 38.92 -27.87 23.02
CA ASN G 140 37.65 -27.12 22.83
C ASN G 140 37.84 -25.86 21.99
N THR G 141 38.91 -25.09 22.25
CA THR G 141 39.04 -23.78 21.54
C THR G 141 39.20 -23.91 20.02
N HIS G 142 39.99 -24.88 19.54
CA HIS G 142 40.28 -24.94 18.08
C HIS G 142 39.00 -25.10 17.24
N GLU G 143 38.10 -26.00 17.63
CA GLU G 143 36.84 -26.22 16.88
C GLU G 143 35.97 -24.96 16.95
N LYS G 144 35.88 -24.35 18.14
CA LYS G 144 34.97 -23.18 18.35
C LYS G 144 35.40 -21.98 17.50
N VAL G 145 36.70 -21.71 17.40
CA VAL G 145 37.18 -20.48 16.69
C VAL G 145 36.73 -20.50 15.22
N LYS G 146 36.82 -21.66 14.55
CA LYS G 146 36.50 -21.72 13.11
C LYS G 146 35.03 -21.36 12.89
N THR G 147 34.13 -21.87 13.75
CA THR G 147 32.68 -21.58 13.61
C THR G 147 32.44 -20.09 13.85
N ALA G 148 33.07 -19.55 14.91
CA ALA G 148 32.80 -18.21 15.40
C ALA G 148 33.14 -17.15 14.35
N LEU G 149 34.28 -17.32 13.67
CA LEU G 149 34.63 -16.38 12.60
C LEU G 149 33.63 -16.46 11.46
N ASN G 150 33.17 -17.67 11.13
CA ASN G 150 32.15 -17.82 10.08
C ASN G 150 30.86 -17.11 10.48
N LEU G 151 30.45 -17.25 11.73
CA LEU G 151 29.24 -16.56 12.21
C LEU G 151 29.43 -15.06 12.18
N PHE G 152 30.62 -14.57 12.52
CA PHE G 152 30.90 -13.14 12.45
C PHE G 152 30.76 -12.61 11.03
N TYR G 153 31.38 -13.31 10.07
CA TYR G 153 31.28 -12.89 8.68
C TYR G 153 29.84 -12.96 8.18
N LEU G 154 29.12 -14.00 8.58
CA LEU G 154 27.73 -14.14 8.15
C LEU G 154 26.86 -13.04 8.73
N THR G 155 27.08 -12.68 10.00
CA THR G 155 26.35 -11.56 10.60
C THR G 155 26.64 -10.26 9.86
N ILE G 156 27.91 -10.02 9.52
CA ILE G 156 28.25 -8.80 8.80
C ILE G 156 27.55 -8.75 7.45
N ILE G 157 27.58 -9.86 6.71
CA ILE G 157 26.96 -9.89 5.39
C ILE G 157 25.45 -9.69 5.51
N GLY G 158 24.82 -10.36 6.48
CA GLY G 158 23.38 -10.22 6.64
C GLY G 158 22.97 -8.80 7.00
N HIS G 159 23.71 -8.18 7.91
CA HIS G 159 23.36 -6.80 8.29
C HIS G 159 23.64 -5.83 7.16
N GLY G 160 24.66 -6.08 6.33
CA GLY G 160 24.87 -5.23 5.17
C GLY G 160 23.75 -5.33 4.16
N LEU G 161 23.32 -6.56 3.86
CA LEU G 161 22.20 -6.74 2.95
C LEU G 161 20.93 -6.11 3.51
N SER G 162 20.74 -6.22 4.83
CA SER G 162 19.59 -5.57 5.46
C SER G 162 19.66 -4.06 5.31
N ILE G 163 20.84 -3.48 5.54
CA ILE G 163 21.01 -2.04 5.36
C ILE G 163 20.61 -1.65 3.94
N ALA G 164 21.13 -2.37 2.94
CA ALA G 164 20.84 -2.03 1.55
C ALA G 164 19.35 -2.09 1.25
N SER G 165 18.71 -3.23 1.58
CA SER G 165 17.32 -3.42 1.24
C SER G 165 16.42 -2.43 1.97
N LEU G 166 16.66 -2.21 3.26
CA LEU G 166 15.81 -1.30 4.01
C LEU G 166 16.03 0.15 3.60
N LEU G 167 17.25 0.52 3.20
CA LEU G 167 17.46 1.86 2.67
C LEU G 167 16.71 2.07 1.37
N ILE G 168 16.74 1.06 0.48
CA ILE G 168 15.98 1.17 -0.75
C ILE G 168 14.49 1.28 -0.46
N SER G 169 14.00 0.51 0.52
CA SER G 169 12.59 0.54 0.86
C SER G 169 12.17 1.89 1.43
N LEU G 170 12.98 2.44 2.34
CA LEU G 170 12.67 3.76 2.90
C LEU G 170 12.72 4.83 1.83
N GLY G 171 13.67 4.73 0.90
CA GLY G 171 13.71 5.68 -0.20
C GLY G 171 12.45 5.63 -1.04
N ILE G 172 12.00 4.41 -1.38
CA ILE G 172 10.77 4.27 -2.15
C ILE G 172 9.59 4.89 -1.39
N PHE G 173 9.47 4.56 -0.10
CA PHE G 173 8.33 5.04 0.69
C PHE G 173 8.32 6.56 0.79
N PHE G 174 9.49 7.16 1.03
CA PHE G 174 9.56 8.61 1.18
C PHE G 174 9.54 9.35 -0.14
N TYR G 175 9.81 8.67 -1.26
CA TYR G 175 9.83 9.36 -2.54
C TYR G 175 8.49 9.29 -3.26
N PHE G 176 7.79 8.16 -3.19
CA PHE G 176 6.56 8.05 -3.95
C PHE G 176 5.45 8.92 -3.37
N LYS G 177 5.23 8.85 -2.06
CA LYS G 177 4.26 9.64 -1.31
C LYS G 177 2.81 9.33 -1.70
N SER G 178 2.58 8.45 -2.67
CA SER G 178 1.23 7.97 -2.95
C SER G 178 0.83 6.81 -2.06
N LEU G 179 1.82 6.14 -1.47
CA LEU G 179 1.60 5.11 -0.46
C LEU G 179 1.86 5.78 0.89
N SER G 180 0.85 6.45 1.43
CA SER G 180 0.98 7.20 2.68
C SER G 180 -0.24 6.90 3.54
N CYS G 181 -0.12 5.91 4.41
CA CYS G 181 -1.14 5.56 5.38
C CYS G 181 -0.50 5.52 6.77
N GLN G 182 -1.27 5.11 7.76
CA GLN G 182 -0.71 4.91 9.09
C GLN G 182 0.17 3.68 9.14
N ARG G 183 -0.23 2.62 8.43
CA ARG G 183 0.61 1.42 8.36
C ARG G 183 1.92 1.73 7.65
N ILE G 184 1.90 2.63 6.66
CA ILE G 184 3.12 3.00 5.98
C ILE G 184 4.02 3.81 6.91
N THR G 185 3.43 4.66 7.76
CA THR G 185 4.22 5.39 8.75
C THR G 185 4.87 4.42 9.74
N LEU G 186 4.12 3.43 10.20
CA LEU G 186 4.69 2.46 11.13
C LEU G 186 5.76 1.61 10.45
N HIS G 187 5.58 1.31 9.17
CA HIS G 187 6.61 0.58 8.44
C HIS G 187 7.87 1.42 8.28
N LYS G 188 7.72 2.72 8.05
CA LYS G 188 8.87 3.61 7.99
C LYS G 188 9.61 3.61 9.32
N ASN G 189 8.86 3.71 10.42
CA ASN G 189 9.49 3.69 11.74
C ASN G 189 10.24 2.38 11.98
N LEU G 190 9.60 1.26 11.63
CA LEU G 190 10.24 -0.04 11.82
C LEU G 190 11.50 -0.17 10.98
N PHE G 191 11.45 0.29 9.73
CA PHE G 191 12.62 0.18 8.86
C PHE G 191 13.75 1.07 9.36
N PHE G 192 13.42 2.25 9.87
CA PHE G 192 14.46 3.12 10.43
C PHE G 192 15.08 2.49 11.66
N SER G 193 14.26 1.87 12.52
CA SER G 193 14.82 1.16 13.67
C SER G 193 15.72 0.02 13.23
N PHE G 194 15.33 -0.69 12.16
CA PHE G 194 16.15 -1.77 11.64
C PHE G 194 17.51 -1.26 11.18
N VAL G 195 17.52 -0.21 10.35
CA VAL G 195 18.78 0.29 9.82
C VAL G 195 19.65 0.85 10.94
N CYS G 196 19.03 1.46 11.95
CA CYS G 196 19.79 1.99 13.07
C CYS G 196 20.46 0.86 13.85
N ASN G 197 19.68 -0.15 14.23
CA ASN G 197 20.26 -1.28 14.96
C ASN G 197 21.36 -1.96 14.16
N SER G 198 21.13 -2.16 12.85
CA SER G 198 22.13 -2.84 12.03
C SER G 198 23.41 -2.02 11.92
N VAL G 199 23.31 -0.73 11.65
CA VAL G 199 24.50 0.12 11.54
C VAL G 199 25.26 0.14 12.86
N VAL G 200 24.55 0.25 13.97
CA VAL G 200 25.23 0.36 15.26
C VAL G 200 25.89 -0.96 15.62
N THR G 201 25.22 -2.09 15.38
CA THR G 201 25.87 -3.37 15.69
C THR G 201 27.03 -3.65 14.75
N ILE G 202 27.00 -3.14 13.53
CA ILE G 202 28.13 -3.31 12.62
C ILE G 202 29.32 -2.49 13.10
N ILE G 203 29.10 -1.21 13.44
CA ILE G 203 30.20 -0.37 13.90
C ILE G 203 30.62 -0.69 15.33
N HIS G 204 29.87 -1.50 16.05
CA HIS G 204 30.26 -1.92 17.39
C HIS G 204 30.99 -3.26 17.37
N LEU G 205 30.57 -4.18 16.51
CA LEU G 205 31.19 -5.50 16.47
C LEU G 205 32.55 -5.46 15.80
N THR G 206 32.66 -4.75 14.67
CA THR G 206 33.88 -4.74 13.89
C THR G 206 34.91 -3.74 14.39
N ALA G 207 34.48 -2.81 15.25
CA ALA G 207 35.43 -1.81 15.80
C ALA G 207 35.62 -1.98 17.32
N VAL G 208 34.56 -2.31 18.05
CA VAL G 208 34.68 -2.38 19.54
C VAL G 208 34.94 -3.82 20.00
N ALA G 209 34.35 -4.82 19.34
CA ALA G 209 34.48 -6.23 19.81
C ALA G 209 35.64 -6.95 19.13
N ASN G 210 36.20 -6.36 18.06
CA ASN G 210 37.32 -6.96 17.37
C ASN G 210 38.63 -6.23 17.64
N ASN G 211 38.58 -5.06 18.27
CA ASN G 211 39.77 -4.29 18.61
C ASN G 211 40.13 -4.53 20.07
N GLN G 212 41.34 -5.03 20.30
CA GLN G 212 41.82 -5.28 21.65
C GLN G 212 42.60 -4.11 22.25
N ALA G 213 43.00 -3.16 21.40
CA ALA G 213 43.50 -1.86 21.88
C ALA G 213 42.34 -1.07 22.51
N LEU G 214 41.21 -1.00 21.79
CA LEU G 214 40.00 -0.27 22.27
C LEU G 214 39.50 -0.87 23.58
N VAL G 215 39.35 -2.19 23.64
CA VAL G 215 38.81 -2.85 24.86
C VAL G 215 39.76 -2.59 26.03
N ALA G 216 41.08 -2.67 25.78
CA ALA G 216 42.08 -2.44 26.84
C ALA G 216 41.95 -1.01 27.37
N THR G 217 41.77 -0.03 26.47
CA THR G 217 41.58 1.38 26.90
C THR G 217 40.30 1.50 27.71
N ASN G 218 39.23 0.81 27.30
CA ASN G 218 37.94 0.83 28.04
C ASN G 218 37.43 2.27 28.15
N PRO G 219 37.48 3.08 27.08
CA PRO G 219 37.07 4.48 27.14
C PRO G 219 35.53 4.58 27.18
N VAL G 220 35.02 5.58 27.90
CA VAL G 220 33.55 5.75 28.09
C VAL G 220 32.86 5.62 26.72
N SER G 221 33.52 6.04 25.64
CA SER G 221 32.89 6.02 24.29
C SER G 221 32.51 4.58 23.91
N CYS G 222 33.39 3.61 24.15
CA CYS G 222 33.09 2.19 23.82
C CYS G 222 31.88 1.75 24.64
N LYS G 223 31.83 2.13 25.92
CA LYS G 223 30.70 1.75 26.80
C LYS G 223 29.40 2.36 26.29
N VAL G 224 29.43 3.62 25.87
CA VAL G 224 28.20 4.28 25.30
C VAL G 224 27.79 3.59 24.00
N SER G 225 28.76 3.15 23.20
CA SER G 225 28.46 2.42 21.95
C SER G 225 27.74 1.11 22.32
N GLN G 226 28.20 0.42 23.35
CA GLN G 226 27.51 -0.82 23.82
C GLN G 226 26.11 -0.43 24.32
N PHE G 227 25.99 0.69 25.02
CA PHE G 227 24.68 1.15 25.56
C PHE G 227 23.70 1.42 24.42
N ILE G 228 24.02 2.39 23.54
CA ILE G 228 23.09 2.74 22.47
C ILE G 228 22.82 1.52 21.59
N HIS G 229 23.76 0.58 21.51
CA HIS G 229 23.51 -0.67 20.79
C HIS G 229 22.38 -1.45 21.45
N LEU G 230 22.45 -1.60 22.77
CA LEU G 230 21.38 -2.27 23.49
C LEU G 230 20.06 -1.50 23.35
N TYR G 231 20.11 -0.18 23.41
CA TYR G 231 18.91 0.62 23.28
C TYR G 231 18.25 0.41 21.91
N LEU G 232 19.03 0.42 20.85
CA LEU G 232 18.47 0.24 19.52
C LEU G 232 18.01 -1.21 19.30
N MET G 233 18.71 -2.18 19.87
CA MET G 233 18.25 -3.56 19.79
C MET G 233 16.89 -3.71 20.46
N GLY G 234 16.68 -3.02 21.58
CA GLY G 234 15.36 -3.02 22.20
C GLY G 234 14.34 -2.31 21.35
N CYS G 235 14.71 -1.17 20.77
CA CYS G 235 13.78 -0.43 19.90
C CYS G 235 13.33 -1.27 18.72
N ASN G 236 14.19 -2.13 18.20
CA ASN G 236 13.82 -2.97 17.06
C ASN G 236 12.63 -3.87 17.41
N TYR G 237 12.78 -4.67 18.46
CA TYR G 237 11.70 -5.60 18.83
C TYR G 237 10.49 -4.85 19.37
N PHE G 238 10.68 -3.66 19.95
CA PHE G 238 9.50 -2.93 20.40
C PHE G 238 8.75 -2.28 19.26
N TRP G 239 9.43 -1.96 18.15
CA TRP G 239 8.69 -1.51 16.97
C TRP G 239 8.01 -2.68 16.29
N MET G 240 8.61 -3.87 16.33
CA MET G 240 7.87 -5.07 15.94
C MET G 240 6.59 -5.22 16.77
N LEU G 241 6.70 -4.97 18.09
CA LEU G 241 5.54 -5.02 18.96
C LEU G 241 4.50 -3.97 18.57
N CYS G 242 4.95 -2.77 18.22
CA CYS G 242 4.00 -1.73 17.82
C CYS G 242 3.29 -2.10 16.53
N GLU G 243 4.02 -2.69 15.57
CA GLU G 243 3.38 -3.16 14.35
C GLU G 243 2.35 -4.24 14.64
N GLY G 244 2.67 -5.17 15.54
CA GLY G 244 1.71 -6.18 15.92
C GLY G 244 0.47 -5.59 16.57
N ILE G 245 0.67 -4.61 17.46
CA ILE G 245 -0.46 -3.94 18.11
C ILE G 245 -1.32 -3.25 17.08
N TYR G 246 -0.71 -2.62 16.08
CA TYR G 246 -1.49 -1.93 15.06
C TYR G 246 -2.29 -2.91 14.22
N LEU G 247 -1.68 -4.03 13.82
CA LEU G 247 -2.43 -5.04 13.08
C LEU G 247 -3.60 -5.56 13.91
N HIS G 248 -3.38 -5.81 15.19
CA HIS G 248 -4.45 -6.35 16.03
C HIS G 248 -5.58 -5.34 16.22
N THR G 249 -5.24 -4.08 16.46
CA THR G 249 -6.26 -3.06 16.62
C THR G 249 -6.85 -2.58 15.31
N LEU G 250 -6.31 -3.03 14.18
CA LEU G 250 -6.88 -2.71 12.88
C LEU G 250 -7.77 -3.82 12.34
N ILE G 251 -7.52 -5.07 12.72
CA ILE G 251 -8.26 -6.21 12.21
C ILE G 251 -9.17 -6.82 13.26
N VAL G 252 -8.63 -7.19 14.41
CA VAL G 252 -9.40 -7.95 15.38
C VAL G 252 -10.36 -7.03 16.14
N VAL G 253 -9.83 -6.07 16.88
CA VAL G 253 -10.64 -5.18 17.70
C VAL G 253 -10.55 -3.78 17.14
N ALA G 254 -11.62 -3.01 17.33
CA ALA G 254 -11.71 -1.62 16.87
C ALA G 254 -11.33 -1.51 15.39
N VAL G 255 -11.97 -2.36 14.59
CA VAL G 255 -11.61 -2.44 13.17
C VAL G 255 -12.04 -1.18 12.43
N PHE G 256 -13.17 -0.60 12.80
CA PHE G 256 -13.69 0.56 12.09
C PHE G 256 -12.66 1.69 12.10
N ALA G 257 -12.62 2.45 11.01
CA ALA G 257 -11.61 3.49 10.84
C ALA G 257 -11.81 4.61 11.87
N GLU G 258 -10.93 4.66 12.86
CA GLU G 258 -10.97 5.72 13.86
C GLU G 258 -9.74 6.62 13.84
N LYS G 259 -8.76 6.34 12.96
CA LYS G 259 -7.59 7.19 12.78
C LYS G 259 -6.83 7.37 14.10
N GLN G 260 -6.27 6.24 14.56
CA GLN G 260 -5.56 6.18 15.83
C GLN G 260 -4.63 7.38 16.01
N HIS G 261 -4.52 7.84 17.26
CA HIS G 261 -3.78 9.05 17.56
C HIS G 261 -2.33 8.96 17.12
N LEU G 262 -1.77 7.75 17.07
CA LEU G 262 -0.44 7.48 16.55
C LEU G 262 0.66 8.23 17.30
N MET G 263 0.40 8.59 18.56
CA MET G 263 1.40 9.25 19.38
C MET G 263 2.03 8.32 20.41
N TRP G 264 1.25 7.42 20.99
CA TRP G 264 1.80 6.45 21.94
C TRP G 264 2.62 5.38 21.24
N TYR G 265 2.37 5.11 19.96
CA TYR G 265 3.20 4.18 19.22
C TYR G 265 4.65 4.68 19.16
N TYR G 266 4.84 5.98 18.96
CA TYR G 266 6.18 6.54 18.93
C TYR G 266 6.87 6.38 20.29
N PHE G 267 6.14 6.65 21.37
CA PHE G 267 6.73 6.52 22.70
C PHE G 267 7.05 5.08 23.04
N LEU G 268 6.26 4.13 22.52
CA LEU G 268 6.54 2.73 22.79
C LEU G 268 7.71 2.21 21.94
N GLY G 269 7.83 2.69 20.71
CA GLY G 269 8.87 2.20 19.82
C GLY G 269 10.23 2.84 20.06
N TRP G 270 10.24 4.12 20.41
CA TRP G 270 11.49 4.85 20.59
C TRP G 270 11.75 5.27 22.03
N GLY G 271 10.72 5.43 22.84
CA GLY G 271 10.91 5.98 24.17
C GLY G 271 11.08 4.93 25.26
N PHE G 272 10.25 3.89 25.23
CA PHE G 272 10.32 2.88 26.27
C PHE G 272 11.65 2.13 26.33
N PRO G 273 12.29 1.76 25.22
CA PRO G 273 13.59 1.08 25.33
C PRO G 273 14.66 1.88 26.06
N LEU G 274 14.45 3.18 26.29
CA LEU G 274 15.39 3.95 27.09
C LEU G 274 15.39 3.50 28.54
N ILE G 275 14.27 2.96 29.02
CA ILE G 275 14.11 2.58 30.42
C ILE G 275 15.01 1.40 30.77
N PRO G 276 14.96 0.27 30.07
CA PRO G 276 15.81 -0.85 30.50
C PRO G 276 17.29 -0.60 30.25
N ALA G 277 17.64 -0.05 29.08
CA ALA G 277 19.04 0.21 28.77
C ALA G 277 19.71 1.03 29.85
N CYS G 278 19.11 2.17 30.22
CA CYS G 278 19.60 2.95 31.35
C CYS G 278 19.69 2.09 32.60
N ILE G 279 18.59 1.39 32.92
CA ILE G 279 18.58 0.50 34.09
C ILE G 279 19.70 -0.52 33.98
N HIS G 280 20.06 -0.91 32.76
CA HIS G 280 21.22 -1.77 32.57
C HIS G 280 22.50 -1.04 32.98
N ALA G 281 22.77 0.07 32.29
CA ALA G 281 24.05 0.79 32.43
C ALA G 281 24.35 1.01 33.92
N ILE G 282 23.44 1.63 34.65
CA ILE G 282 23.70 1.94 36.09
C ILE G 282 23.89 0.63 36.86
N ALA G 283 23.02 -0.35 36.65
CA ALA G 283 23.11 -1.62 37.39
C ALA G 283 24.43 -2.31 37.02
N ARG G 284 24.78 -2.28 35.73
CA ARG G 284 26.01 -2.98 35.27
C ARG G 284 27.21 -2.33 35.97
N SER G 285 27.25 -1.00 36.00
CA SER G 285 28.40 -0.29 36.62
C SER G 285 28.44 -0.61 38.11
N LEU G 286 27.29 -0.61 38.78
CA LEU G 286 27.24 -0.84 40.24
C LEU G 286 27.70 -2.27 40.61
N TYR G 287 27.25 -3.29 39.89
CA TYR G 287 27.56 -4.68 40.31
C TYR G 287 28.66 -5.34 39.46
N TYR G 288 28.51 -5.32 38.12
CA TYR G 288 29.48 -6.05 37.27
C TYR G 288 29.99 -5.13 36.16
N ASN G 289 30.80 -4.14 36.52
CA ASN G 289 31.36 -3.20 35.51
C ASN G 289 32.80 -3.60 35.21
N ASP G 290 33.04 -4.22 34.06
CA ASP G 290 34.45 -4.52 33.65
C ASP G 290 34.62 -4.65 32.13
N ASN G 291 35.81 -4.35 31.62
CA ASN G 291 36.13 -4.57 30.18
C ASN G 291 35.12 -3.89 29.24
N CYS G 292 34.66 -2.69 29.56
CA CYS G 292 33.76 -1.95 28.62
C CYS G 292 32.42 -2.68 28.56
N TRP G 293 32.17 -3.60 29.50
CA TRP G 293 30.91 -4.40 29.52
C TRP G 293 30.91 -5.42 28.38
N ILE G 294 32.07 -5.64 27.75
CA ILE G 294 32.16 -6.59 26.60
C ILE G 294 31.81 -8.00 27.09
N SER G 295 32.26 -8.37 28.29
CA SER G 295 31.98 -9.73 28.83
C SER G 295 30.48 -9.93 28.96
N SER G 296 29.98 -11.10 28.55
CA SER G 296 28.51 -11.36 28.58
C SER G 296 28.23 -12.62 29.38
N ASP G 297 28.80 -12.74 30.58
CA ASP G 297 28.45 -13.87 31.48
C ASP G 297 27.49 -13.41 32.56
N THR G 298 27.18 -12.12 32.59
CA THR G 298 26.34 -11.61 33.67
C THR G 298 24.87 -11.93 33.41
N HIS G 299 24.05 -11.94 34.45
CA HIS G 299 22.59 -12.10 34.24
C HIS G 299 22.03 -10.67 34.28
N LEU G 300 22.92 -9.70 34.04
CA LEU G 300 22.54 -8.32 33.79
C LEU G 300 22.17 -8.06 32.33
N LEU G 301 22.45 -9.01 31.44
CA LEU G 301 21.95 -8.91 30.07
C LEU G 301 20.46 -9.18 29.98
N TYR G 302 19.88 -9.89 30.96
CA TYR G 302 18.45 -10.13 30.96
C TYR G 302 17.63 -8.88 31.24
N ILE G 303 18.28 -7.77 31.60
CA ILE G 303 17.56 -6.51 31.72
C ILE G 303 17.19 -5.97 30.35
N ILE G 304 17.93 -6.36 29.32
CA ILE G 304 17.65 -5.95 27.95
C ILE G 304 16.87 -7.02 27.21
N HIS G 305 17.35 -8.27 27.27
CA HIS G 305 16.71 -9.38 26.59
C HIS G 305 15.57 -9.99 27.39
N GLY G 306 15.13 -9.32 28.45
CA GLY G 306 13.99 -9.77 29.22
C GLY G 306 12.68 -9.25 28.66
N PRO G 307 12.54 -7.93 28.57
CA PRO G 307 11.32 -7.38 27.95
C PRO G 307 11.18 -7.72 26.48
N ILE G 308 12.28 -8.00 25.77
CA ILE G 308 12.19 -8.39 24.38
C ILE G 308 11.46 -9.71 24.25
N CYS G 309 11.68 -10.63 25.18
CA CYS G 309 10.96 -11.91 25.13
C CYS G 309 9.48 -11.71 25.37
N ALA G 310 9.10 -10.82 26.29
CA ALA G 310 7.69 -10.52 26.51
C ALA G 310 7.07 -9.91 25.27
N ALA G 311 7.79 -9.01 24.60
CA ALA G 311 7.30 -8.44 23.35
C ALA G 311 7.11 -9.53 22.30
N LEU G 312 8.03 -10.49 22.23
CA LEU G 312 7.88 -11.59 21.27
C LEU G 312 6.67 -12.44 21.61
N LEU G 313 6.41 -12.68 22.89
CA LEU G 313 5.25 -13.48 23.26
C LEU G 313 3.94 -12.78 22.91
N VAL G 314 3.86 -11.47 23.18
CA VAL G 314 2.62 -10.76 22.86
C VAL G 314 2.44 -10.63 21.35
N ASN G 315 3.54 -10.51 20.60
CA ASN G 315 3.44 -10.53 19.15
C ASN G 315 2.97 -11.89 18.65
N LEU G 316 3.40 -12.97 19.31
CA LEU G 316 2.93 -14.29 18.94
C LEU G 316 1.43 -14.43 19.19
N PHE G 317 0.96 -13.90 20.32
CA PHE G 317 -0.47 -13.92 20.60
C PHE G 317 -1.25 -13.14 19.55
N PHE G 318 -0.74 -11.97 19.17
CA PHE G 318 -1.41 -11.17 18.14
C PHE G 318 -1.40 -11.87 16.80
N LEU G 319 -0.30 -12.54 16.46
CA LEU G 319 -0.25 -13.30 15.21
C LEU G 319 -1.25 -14.43 15.21
N LEU G 320 -1.39 -15.12 16.35
CA LEU G 320 -2.38 -16.18 16.44
C LEU G 320 -3.79 -15.64 16.22
N ASN G 321 -4.11 -14.50 16.86
CA ASN G 321 -5.43 -13.90 16.66
C ASN G 321 -5.65 -13.51 15.20
N ILE G 322 -4.63 -12.95 14.56
CA ILE G 322 -4.76 -12.50 13.18
C ILE G 322 -5.01 -13.69 12.26
N VAL G 323 -4.22 -14.77 12.40
CA VAL G 323 -4.43 -15.92 11.53
C VAL G 323 -5.74 -16.61 11.84
N ARG G 324 -6.21 -16.54 13.09
CA ARG G 324 -7.51 -17.11 13.41
C ARG G 324 -8.64 -16.39 12.70
N VAL G 325 -8.63 -15.05 12.75
CA VAL G 325 -9.69 -14.31 12.06
C VAL G 325 -9.54 -14.44 10.55
N LEU G 326 -8.31 -14.62 10.06
CA LEU G 326 -8.13 -14.83 8.63
C LEU G 326 -8.72 -16.17 8.19
N ILE G 327 -8.51 -17.22 8.98
CA ILE G 327 -9.12 -18.51 8.66
C ILE G 327 -10.63 -18.41 8.73
N THR G 328 -11.16 -17.70 9.73
CA THR G 328 -12.59 -17.50 9.82
C THR G 328 -13.14 -16.79 8.58
N LYS G 329 -12.38 -15.83 8.05
CA LYS G 329 -12.81 -15.18 6.81
C LYS G 329 -12.74 -16.14 5.63
N LEU G 330 -11.71 -16.96 5.57
CA LEU G 330 -11.52 -17.89 4.47
C LEU G 330 -12.48 -19.08 4.51
N LYS G 331 -13.20 -19.27 5.61
CA LYS G 331 -14.10 -20.40 5.76
C LYS G 331 -15.45 -20.18 5.06
N VAL G 332 -15.66 -19.02 4.43
CA VAL G 332 -16.92 -18.73 3.76
C VAL G 332 -16.65 -18.14 2.38
N THR G 333 -17.56 -18.44 1.45
CA THR G 333 -17.50 -17.91 0.10
C THR G 333 -18.79 -18.21 -0.66
N ASN G 339 -9.05 -24.09 0.71
CA ASN G 339 -7.73 -23.48 0.78
C ASN G 339 -7.46 -22.91 2.17
N LEU G 340 -7.43 -23.77 3.17
CA LEU G 340 -7.16 -23.36 4.54
C LEU G 340 -5.81 -23.86 5.04
N TYR G 341 -5.02 -24.51 4.17
CA TYR G 341 -3.70 -24.99 4.56
C TYR G 341 -2.57 -24.48 3.66
N MET G 342 -2.88 -23.98 2.46
CA MET G 342 -1.87 -23.37 1.61
C MET G 342 -1.93 -21.85 1.61
N LYS G 343 -3.00 -21.26 2.14
CA LYS G 343 -3.11 -19.80 2.24
C LYS G 343 -2.96 -19.27 3.65
N ALA G 344 -3.36 -20.05 4.67
CA ALA G 344 -3.13 -19.62 6.04
C ALA G 344 -1.65 -19.67 6.39
N VAL G 345 -0.96 -20.74 6.00
CA VAL G 345 0.48 -20.81 6.26
C VAL G 345 1.22 -19.74 5.47
N ARG G 346 0.69 -19.34 4.32
CA ARG G 346 1.29 -18.22 3.58
C ARG G 346 1.21 -16.94 4.40
N ALA G 347 0.07 -16.69 5.03
CA ALA G 347 -0.05 -15.51 5.89
C ALA G 347 0.85 -15.62 7.10
N THR G 348 1.02 -16.82 7.65
CA THR G 348 1.91 -16.98 8.80
C THR G 348 3.35 -16.67 8.43
N LEU G 349 3.83 -17.21 7.31
CA LEU G 349 5.19 -16.91 6.88
C LEU G 349 5.34 -15.49 6.34
N ILE G 350 4.23 -14.82 6.03
CA ILE G 350 4.32 -13.41 5.68
C ILE G 350 4.41 -12.55 6.95
N LEU G 351 3.75 -12.97 8.02
CA LEU G 351 3.72 -12.18 9.24
C LEU G 351 4.93 -12.41 10.14
N VAL G 352 5.49 -13.62 10.16
CA VAL G 352 6.57 -13.92 11.10
C VAL G 352 7.84 -13.09 10.87
N PRO G 353 8.18 -12.60 9.65
CA PRO G 353 9.31 -11.68 9.56
C PRO G 353 8.97 -10.30 10.10
N LEU G 354 7.72 -9.87 9.90
CA LEU G 354 7.29 -8.56 10.38
C LEU G 354 7.20 -8.54 11.91
N LEU G 355 6.47 -9.48 12.48
CA LEU G 355 6.29 -9.54 13.92
C LEU G 355 7.47 -10.18 14.65
N GLY G 356 8.47 -10.67 13.91
CA GLY G 356 9.66 -11.22 14.54
C GLY G 356 9.42 -12.44 15.40
N ILE G 357 8.53 -13.34 14.97
CA ILE G 357 8.25 -14.55 15.71
C ILE G 357 9.26 -15.61 15.28
N GLU G 358 10.26 -15.19 14.52
CA GLU G 358 11.31 -16.10 14.08
C GLU G 358 12.03 -16.73 15.26
N PHE G 359 12.16 -16.00 16.38
CA PHE G 359 12.78 -16.58 17.57
C PHE G 359 11.84 -17.56 18.26
N VAL G 360 10.52 -17.38 18.09
CA VAL G 360 9.55 -18.34 18.58
C VAL G 360 9.20 -19.38 17.51
N LEU G 361 9.74 -19.22 16.30
CA LEU G 361 9.59 -20.20 15.24
C LEU G 361 10.38 -21.49 15.50
N ILE G 362 11.22 -21.50 16.54
CA ILE G 362 12.06 -22.68 16.81
C ILE G 362 11.23 -23.95 16.94
N PRO G 363 10.12 -23.99 17.71
CA PRO G 363 9.31 -25.21 17.68
C PRO G 363 8.66 -25.45 16.32
N GLU G 373 26.32 -27.91 13.39
CA GLU G 373 24.95 -27.66 13.83
C GLU G 373 24.23 -26.74 12.85
N VAL G 374 23.43 -27.35 11.96
CA VAL G 374 22.73 -26.54 10.97
C VAL G 374 21.53 -25.83 11.57
N TYR G 375 21.02 -26.31 12.72
CA TYR G 375 19.89 -25.66 13.36
C TYR G 375 20.25 -24.24 13.80
N ASP G 376 21.33 -24.11 14.59
CA ASP G 376 21.73 -22.78 15.06
C ASP G 376 22.20 -21.89 13.92
N TYR G 377 22.81 -22.47 12.88
CA TYR G 377 23.26 -21.67 11.76
C TYR G 377 22.07 -21.09 11.00
N ILE G 378 21.05 -21.92 10.73
CA ILE G 378 19.85 -21.41 10.08
C ILE G 378 19.15 -20.40 10.97
N MET G 379 19.15 -20.62 12.29
CA MET G 379 18.57 -19.63 13.19
C MET G 379 19.29 -18.30 13.09
N HIS G 380 20.62 -18.33 12.97
CA HIS G 380 21.37 -17.08 12.83
C HIS G 380 21.07 -16.41 11.50
N ILE G 381 20.97 -17.19 10.42
CA ILE G 381 20.73 -16.57 9.12
C ILE G 381 19.31 -16.03 9.03
N LEU G 382 18.37 -16.58 9.81
CA LEU G 382 17.02 -16.03 9.79
C LEU G 382 16.85 -14.86 10.74
N MET G 383 17.61 -14.82 11.84
CA MET G 383 17.50 -13.70 12.76
C MET G 383 18.41 -12.54 12.39
N HIS G 384 19.35 -12.74 11.46
CA HIS G 384 20.20 -11.65 11.00
C HIS G 384 19.76 -11.09 9.65
N PHE G 385 19.08 -11.89 8.83
CA PHE G 385 18.50 -11.42 7.58
C PHE G 385 17.06 -10.93 7.77
N GLN G 386 16.71 -10.48 8.97
CA GLN G 386 15.35 -10.02 9.24
C GLN G 386 15.01 -8.79 8.40
N GLY G 387 15.94 -7.84 8.31
CA GLY G 387 15.68 -6.64 7.53
C GLY G 387 15.46 -6.94 6.05
N LEU G 388 16.30 -7.81 5.49
CA LEU G 388 16.12 -8.22 4.11
C LEU G 388 14.75 -8.87 3.91
N LEU G 389 14.33 -9.70 4.86
CA LEU G 389 13.04 -10.37 4.74
C LEU G 389 11.88 -9.37 4.75
N VAL G 390 11.88 -8.45 5.73
CA VAL G 390 10.77 -7.51 5.80
C VAL G 390 10.79 -6.56 4.59
N SER G 391 11.97 -6.22 4.08
CA SER G 391 12.04 -5.32 2.94
C SER G 391 11.60 -5.99 1.65
N THR G 392 11.91 -7.28 1.48
CA THR G 392 11.47 -7.98 0.29
C THR G 392 10.02 -8.43 0.38
N ILE G 393 9.45 -8.51 1.58
CA ILE G 393 8.06 -8.91 1.72
C ILE G 393 7.13 -7.72 1.65
N PHE G 394 7.47 -6.61 2.29
CA PHE G 394 6.55 -5.48 2.41
C PHE G 394 6.89 -4.32 1.49
N CYS G 395 7.96 -4.40 0.71
CA CYS G 395 8.27 -3.31 -0.20
C CYS G 395 8.62 -3.79 -1.61
N PHE G 396 9.09 -5.03 -1.72
CA PHE G 396 9.48 -5.54 -3.04
C PHE G 396 8.50 -6.56 -3.59
N PHE G 397 7.74 -7.24 -2.74
CA PHE G 397 6.69 -8.15 -3.18
C PHE G 397 5.30 -7.64 -2.83
N ASN G 398 5.20 -6.51 -2.16
CA ASN G 398 3.89 -5.93 -1.86
C ASN G 398 3.20 -5.52 -3.15
N GLY G 399 1.92 -5.87 -3.27
CA GLY G 399 1.22 -5.71 -4.54
C GLY G 399 1.12 -4.26 -4.98
N GLU G 400 0.81 -3.35 -4.05
CA GLU G 400 0.58 -1.96 -4.42
C GLU G 400 1.85 -1.33 -5.01
N VAL G 401 2.94 -1.37 -4.26
CA VAL G 401 4.17 -0.75 -4.73
C VAL G 401 4.73 -1.50 -5.94
N GLN G 402 4.53 -2.81 -6.01
CA GLN G 402 4.96 -3.57 -7.18
C GLN G 402 4.24 -3.08 -8.43
N ALA G 403 2.92 -2.91 -8.35
CA ALA G 403 2.17 -2.40 -9.50
C ALA G 403 2.56 -0.96 -9.83
N ILE G 404 2.75 -0.13 -8.81
CA ILE G 404 3.14 1.26 -9.04
C ILE G 404 4.47 1.32 -9.78
N LEU G 405 5.43 0.48 -9.40
CA LEU G 405 6.73 0.49 -10.06
C LEU G 405 6.65 -0.10 -11.47
N ARG G 406 5.93 -1.23 -11.59
CA ARG G 406 5.73 -1.83 -12.94
C ARG G 406 5.23 -0.73 -13.88
N ARG G 407 4.20 0.01 -13.47
CA ARG G 407 3.64 1.11 -14.30
C ARG G 407 4.70 2.21 -14.48
N ASN G 408 5.43 2.55 -13.41
CA ASN G 408 6.39 3.69 -13.49
C ASN G 408 7.64 3.28 -14.28
N TRP G 409 7.93 1.99 -14.40
CA TRP G 409 9.22 1.58 -14.92
C TRP G 409 9.37 1.91 -16.41
N ASN G 410 8.28 1.81 -17.17
CA ASN G 410 8.33 2.06 -18.60
C ASN G 410 8.48 3.53 -18.94
N GLN G 411 8.55 4.41 -17.95
CA GLN G 411 8.73 5.85 -18.17
C GLN G 411 10.04 6.38 -17.61
N TYR G 412 10.40 5.98 -16.40
CA TYR G 412 11.64 6.42 -15.78
C TYR G 412 12.41 5.25 -15.20
#